data_4MIA
#
_entry.id   4MIA
#
_cell.length_a   84.981
_cell.length_b   104.816
_cell.length_c   125.284
_cell.angle_alpha   90.000
_cell.angle_beta   90.000
_cell.angle_gamma   90.000
#
_symmetry.space_group_name_H-M   'P 21 21 21'
#
loop_
_entity.id
_entity.type
_entity.pdbx_description
1 polymer 'RNA-directed RNA polymerase'
2 non-polymer 'ZINC ION'
3 non-polymer N-{4-[6-tert-butyl-5-methoxy-8-(6-methoxy-2-oxo-2,5-dihydropyridin-3-yl)quinolin-3-yl]phenyl}methanesulfonamide
4 water water
#
_entity_poly.entity_id   1
_entity_poly.type   'polypeptide(L)'
_entity_poly.pdbx_seq_one_letter_code
;HMSYTWTGALITPCAAEESKLPINALSNSLLRHHNMVYATTSRSAGLRQKKVTFDRLQVLDDHYRDVLKEMKAKASTVKA
KLLSVEEACKLTPPHSAKSKFGYGAKDVRNLSSKAVNHIHSVWKDLLEDTVTPIDTTIMAKNEVFCVQPEKGGRKPARLI
VFPDLGVRVCEKMALYDVVSTLPQVVMGSSYGFQYSPGQRVEFLVNTWKSKKNPMGFSYDTRCFDSTVTENDIRVEESIY
QCCDLAPEARQAIKSLTERLYIGGPLTNSKGQNCGYRRCRASGVLTTSCGNTLTCYLKASAACRAAKLQDCTMLVNGDDL
VVICESAGTQEDAASLRVFTEAMTRYSAPPGDPPQPEYDLELITSCSSNVSVAHDASGKRVYYLTRDPTTPLARAAWETA
RHTPVNSWLGNIIMYAPTLWARMILMTHFFSILLAQEQLEKALDCQIYGACYSIEPLDLPQIIERLHGLSAFSLHSYSPG
EINRVASCLRKLGVPPLRVWRHRARSVRARLLSQGGRAATCGKYLFNWAVKTKLKLTPIPAASRLDLSGWFVAGYSGGDI
YHSLSRARPR
;
_entity_poly.pdbx_strand_id   A,B
#
loop_
_chem_comp.id
_chem_comp.type
_chem_comp.name
_chem_comp.formula
28L non-polymer N-{4-[6-tert-butyl-5-methoxy-8-(6-methoxy-2-oxo-2,5-dihydropyridin-3-yl)quinolin-3-yl]phenyl}methanesulfonamide 'C27 H29 N3 O5 S'
ZN non-polymer 'ZINC ION' 'Zn 2'
#
# COMPACT_ATOMS: atom_id res chain seq x y z
N HIS A 1 11.99 37.73 18.90
CA HIS A 1 11.79 36.68 17.88
C HIS A 1 10.62 37.06 16.97
N MET A 2 10.74 38.18 16.23
CA MET A 2 9.69 38.64 15.32
C MET A 2 9.73 37.80 14.05
N SER A 3 8.56 37.46 13.50
CA SER A 3 8.47 36.71 12.25
C SER A 3 9.16 37.48 11.10
N TYR A 4 8.99 38.83 11.08
CA TYR A 4 9.58 39.69 10.05
C TYR A 4 9.96 41.04 10.63
N THR A 5 11.07 41.62 10.17
CA THR A 5 11.46 43.00 10.47
C THR A 5 11.47 43.70 9.12
N TRP A 6 10.97 44.95 9.05
CA TRP A 6 10.85 45.69 7.78
C TRP A 6 11.61 47.01 7.76
N THR A 7 11.95 47.47 6.56
CA THR A 7 12.70 48.71 6.34
C THR A 7 11.75 49.85 5.94
N GLY A 8 10.78 49.54 5.09
CA GLY A 8 9.82 50.51 4.59
C GLY A 8 9.69 50.45 3.09
N ALA A 9 10.63 49.73 2.44
CA ALA A 9 10.64 49.54 0.99
C ALA A 9 9.46 48.63 0.63
N LEU A 10 8.71 49.03 -0.39
CA LEU A 10 7.53 48.32 -0.85
C LEU A 10 7.88 47.06 -1.60
N ILE A 11 6.96 46.08 -1.55
CA ILE A 11 7.04 44.84 -2.30
C ILE A 11 6.51 45.27 -3.69
N THR A 12 7.39 45.25 -4.70
CA THR A 12 7.10 45.71 -6.06
C THR A 12 6.84 44.55 -7.06
N PRO A 13 5.94 44.72 -8.07
CA PRO A 13 5.73 43.63 -9.04
C PRO A 13 6.80 43.61 -10.14
N CYS A 14 6.67 42.68 -11.10
CA CYS A 14 7.58 42.59 -12.25
C CYS A 14 6.93 43.24 -13.46
N ALA A 15 5.73 42.75 -13.82
CA ALA A 15 4.94 43.22 -14.95
C ALA A 15 3.65 43.89 -14.50
N ALA A 16 2.71 44.05 -15.45
CA ALA A 16 1.39 44.65 -15.27
C ALA A 16 0.58 43.77 -14.34
N GLU A 17 -0.23 44.38 -13.50
CA GLU A 17 -1.07 43.67 -12.56
C GLU A 17 -2.52 44.02 -12.83
N GLU A 18 -3.38 43.00 -12.84
CA GLU A 18 -4.82 43.17 -13.07
C GLU A 18 -5.62 42.73 -11.84
N SER A 19 -6.39 43.65 -11.25
CA SER A 19 -7.22 43.32 -10.09
C SER A 19 -8.66 42.95 -10.51
N LYS A 20 -9.20 43.68 -11.51
CA LYS A 20 -10.55 43.50 -12.05
C LYS A 20 -10.61 42.31 -13.03
N LEU A 21 -11.71 41.53 -12.98
CA LEU A 21 -11.94 40.36 -13.85
C LEU A 21 -11.99 40.74 -15.35
N PRO A 22 -11.02 40.25 -16.16
CA PRO A 22 -11.02 40.57 -17.60
C PRO A 22 -12.17 39.89 -18.31
N ILE A 23 -12.96 40.67 -19.05
CA ILE A 23 -14.14 40.21 -19.77
C ILE A 23 -13.85 40.02 -21.26
N ASN A 24 -14.29 38.88 -21.80
CA ASN A 24 -14.20 38.49 -23.21
C ASN A 24 -15.58 37.99 -23.67
N ALA A 25 -15.71 37.38 -24.88
CA ALA A 25 -17.01 36.88 -25.38
C ALA A 25 -17.58 35.69 -24.59
N LEU A 26 -16.67 34.81 -24.10
CA LEU A 26 -16.99 33.58 -23.34
C LEU A 26 -17.34 33.82 -21.86
N SER A 27 -17.05 35.03 -21.35
CA SER A 27 -17.23 35.39 -19.94
C SER A 27 -18.65 35.18 -19.43
N ASN A 28 -19.66 35.74 -20.14
CA ASN A 28 -21.07 35.69 -19.78
C ASN A 28 -21.70 34.31 -19.84
N SER A 29 -21.10 33.35 -20.60
CA SER A 29 -21.64 31.99 -20.68
C SER A 29 -21.32 31.20 -19.40
N LEU A 30 -20.48 31.79 -18.52
CA LEU A 30 -20.05 31.22 -17.25
C LEU A 30 -20.47 32.12 -16.07
N LEU A 31 -20.13 33.39 -16.12
CA LEU A 31 -20.34 34.27 -14.98
C LEU A 31 -20.96 35.59 -15.42
N ARG A 32 -21.93 36.06 -14.64
CA ARG A 32 -22.57 37.35 -14.94
C ARG A 32 -22.16 38.42 -13.93
N HIS A 33 -22.08 38.06 -12.63
CA HIS A 33 -21.70 39.00 -11.56
C HIS A 33 -20.18 39.12 -11.49
N HIS A 34 -19.62 39.85 -12.47
CA HIS A 34 -18.19 40.07 -12.68
C HIS A 34 -17.50 40.83 -11.57
N ASN A 35 -18.21 41.76 -10.92
CA ASN A 35 -17.69 42.59 -9.82
C ASN A 35 -17.38 41.77 -8.57
N MET A 36 -17.92 40.55 -8.49
N MET A 36 -17.92 40.55 -8.49
CA MET A 36 -17.71 39.61 -7.39
CA MET A 36 -17.70 39.64 -7.37
C MET A 36 -16.30 39.03 -7.43
C MET A 36 -16.30 39.02 -7.43
N VAL A 37 -15.78 38.78 -8.65
CA VAL A 37 -14.46 38.20 -8.90
C VAL A 37 -13.38 39.26 -9.00
N TYR A 38 -12.28 39.04 -8.27
CA TYR A 38 -11.10 39.92 -8.22
C TYR A 38 -9.83 39.07 -8.14
N ALA A 39 -8.67 39.69 -8.46
CA ALA A 39 -7.35 39.07 -8.32
C ALA A 39 -6.50 39.97 -7.42
N THR A 40 -5.64 39.35 -6.58
CA THR A 40 -4.78 40.10 -5.66
C THR A 40 -3.50 40.60 -6.36
N THR A 41 -2.94 41.73 -5.87
CA THR A 41 -1.76 42.37 -6.44
C THR A 41 -0.88 42.93 -5.29
N SER A 42 0.34 43.43 -5.65
CA SER A 42 1.34 44.07 -4.78
C SER A 42 0.80 45.32 -4.08
N ARG A 43 -0.41 45.76 -4.46
CA ARG A 43 -1.11 46.93 -3.94
C ARG A 43 -1.57 46.62 -2.51
N SER A 44 -2.00 45.37 -2.26
CA SER A 44 -2.49 44.96 -0.95
C SER A 44 -1.39 44.35 -0.05
N ALA A 45 -0.12 44.31 -0.56
CA ALA A 45 1.03 43.73 0.14
C ALA A 45 1.27 44.27 1.54
N GLY A 46 1.12 45.58 1.72
CA GLY A 46 1.31 46.29 2.98
C GLY A 46 0.48 45.74 4.11
N LEU A 47 -0.80 45.41 3.81
CA LEU A 47 -1.74 44.82 4.77
C LEU A 47 -1.25 43.42 5.15
N ARG A 48 -0.80 42.64 4.16
CA ARG A 48 -0.28 41.30 4.40
C ARG A 48 0.91 41.37 5.35
N GLN A 49 1.86 42.30 5.09
CA GLN A 49 3.06 42.56 5.90
C GLN A 49 2.70 42.78 7.35
N LYS A 50 1.67 43.60 7.60
CA LYS A 50 1.21 43.89 8.95
C LYS A 50 0.76 42.58 9.63
N LYS A 51 -0.18 41.85 8.97
CA LYS A 51 -0.77 40.57 9.40
C LYS A 51 0.27 39.48 9.73
N VAL A 52 1.24 39.26 8.83
CA VAL A 52 2.26 38.22 8.97
C VAL A 52 3.35 38.56 10.00
N THR A 53 3.40 39.83 10.49
CA THR A 53 4.39 40.31 11.45
C THR A 53 3.89 40.24 12.89
N PHE A 54 4.48 39.34 13.67
CA PHE A 54 4.21 39.15 15.09
C PHE A 54 5.36 38.44 15.78
N ASP A 55 5.45 38.60 17.10
CA ASP A 55 6.48 37.99 17.95
C ASP A 55 6.02 36.57 18.31
N ARG A 56 6.94 35.59 18.26
CA ARG A 56 6.61 34.20 18.58
C ARG A 56 7.21 33.74 19.91
N LEU A 57 6.34 33.21 20.79
CA LEU A 57 6.73 32.70 22.09
C LEU A 57 6.46 31.20 22.15
N GLN A 58 7.53 30.40 22.34
CA GLN A 58 7.49 28.93 22.36
C GLN A 58 7.79 28.32 23.71
N VAL A 59 7.00 27.30 24.07
CA VAL A 59 7.11 26.55 25.33
C VAL A 59 7.05 25.06 24.97
N LEU A 60 8.23 24.43 24.87
CA LEU A 60 8.36 23.03 24.47
C LEU A 60 8.43 22.11 25.70
N ASP A 61 7.46 21.19 25.80
CA ASP A 61 7.33 20.25 26.90
C ASP A 61 7.76 18.82 26.51
N ASP A 62 7.66 17.86 27.46
CA ASP A 62 8.07 16.48 27.25
C ASP A 62 7.33 15.76 26.12
N HIS A 63 6.00 16.00 25.93
CA HIS A 63 5.24 15.37 24.82
C HIS A 63 5.86 15.69 23.48
N TYR A 64 6.31 16.97 23.30
CA TYR A 64 6.97 17.52 22.12
C TYR A 64 8.23 16.72 21.80
N ARG A 65 9.16 16.61 22.77
CA ARG A 65 10.42 15.88 22.62
C ARG A 65 10.20 14.37 22.49
N ASP A 66 9.13 13.84 23.13
CA ASP A 66 8.72 12.43 23.07
C ASP A 66 8.35 12.11 21.63
N VAL A 67 7.41 12.89 21.04
CA VAL A 67 6.98 12.74 19.65
C VAL A 67 8.19 12.90 18.72
N LEU A 68 9.03 13.96 18.96
CA LEU A 68 10.22 14.25 18.17
C LEU A 68 11.18 13.08 18.15
N LYS A 69 11.43 12.45 19.31
CA LYS A 69 12.32 11.29 19.45
C LYS A 69 11.84 10.13 18.57
N GLU A 70 10.49 9.93 18.49
CA GLU A 70 9.86 8.90 17.69
C GLU A 70 10.08 9.18 16.20
N MET A 71 9.75 10.42 15.78
CA MET A 71 9.91 10.89 14.39
C MET A 71 11.37 10.72 13.91
N LYS A 72 12.36 11.14 14.74
CA LYS A 72 13.81 10.99 14.50
C LYS A 72 14.24 9.50 14.39
N ALA A 73 13.53 8.59 15.13
CA ALA A 73 13.79 7.14 15.07
C ALA A 73 13.37 6.56 13.72
N LYS A 74 12.23 7.04 13.18
CA LYS A 74 11.71 6.61 11.88
C LYS A 74 12.56 7.23 10.76
N ALA A 75 12.93 8.52 10.90
CA ALA A 75 13.77 9.29 9.97
C ALA A 75 15.15 8.63 9.75
N SER A 76 15.69 7.96 10.77
CA SER A 76 17.00 7.32 10.69
C SER A 76 16.99 6.04 9.83
N THR A 77 15.79 5.55 9.43
CA THR A 77 15.64 4.38 8.53
C THR A 77 15.55 4.80 7.06
N VAL A 78 15.51 6.12 6.82
CA VAL A 78 15.43 6.69 5.47
C VAL A 78 16.84 6.80 4.87
N LYS A 79 16.98 6.45 3.58
CA LYS A 79 18.22 6.63 2.81
C LYS A 79 17.86 7.59 1.67
N ALA A 80 18.65 8.65 1.49
CA ALA A 80 18.36 9.62 0.44
C ALA A 80 19.51 9.83 -0.51
N LYS A 81 19.19 9.95 -1.82
CA LYS A 81 20.20 10.14 -2.85
C LYS A 81 20.37 11.60 -3.23
N LEU A 82 21.62 11.97 -3.50
CA LEU A 82 22.04 13.28 -3.95
C LEU A 82 21.76 13.34 -5.47
N LEU A 83 20.94 14.28 -5.89
CA LEU A 83 20.61 14.39 -7.30
C LEU A 83 21.75 15.06 -8.06
N SER A 84 21.90 14.76 -9.35
CA SER A 84 22.93 15.38 -10.18
C SER A 84 22.39 16.71 -10.70
N VAL A 85 23.29 17.61 -11.14
CA VAL A 85 22.91 18.92 -11.69
C VAL A 85 21.81 18.70 -12.74
N GLU A 86 22.06 17.76 -13.67
CA GLU A 86 21.15 17.35 -14.74
C GLU A 86 19.81 16.91 -14.17
N GLU A 87 19.82 15.98 -13.18
CA GLU A 87 18.60 15.46 -12.54
C GLU A 87 17.79 16.59 -11.90
N ALA A 88 18.46 17.48 -11.17
CA ALA A 88 17.85 18.63 -10.52
C ALA A 88 17.29 19.64 -11.54
N CYS A 89 18.01 19.88 -12.65
CA CYS A 89 17.65 20.77 -13.77
C CYS A 89 16.37 20.33 -14.47
N LYS A 90 16.17 19.00 -14.57
CA LYS A 90 15.00 18.40 -15.23
C LYS A 90 13.73 18.49 -14.39
N LEU A 91 13.88 18.68 -13.07
CA LEU A 91 12.76 18.83 -12.14
C LEU A 91 12.31 20.30 -12.00
N THR A 92 12.91 21.22 -12.79
CA THR A 92 12.62 22.65 -12.74
C THR A 92 11.39 23.05 -13.61
N PRO A 93 10.36 23.71 -13.02
CA PRO A 93 9.20 24.15 -13.84
C PRO A 93 9.61 24.98 -15.07
N PRO A 94 8.93 24.85 -16.23
CA PRO A 94 9.39 25.61 -17.42
C PRO A 94 9.20 27.13 -17.32
N HIS A 95 8.20 27.56 -16.55
CA HIS A 95 7.89 28.96 -16.37
C HIS A 95 8.23 29.42 -14.92
N SER A 96 9.32 28.84 -14.39
CA SER A 96 9.88 29.14 -13.07
C SER A 96 10.64 30.45 -13.19
N ALA A 97 10.72 31.22 -12.08
CA ALA A 97 11.37 32.53 -12.02
C ALA A 97 12.83 32.48 -12.47
N LYS A 98 13.18 33.37 -13.43
CA LYS A 98 14.54 33.49 -14.01
C LYS A 98 15.57 33.89 -12.95
N SER A 99 16.80 33.41 -13.12
CA SER A 99 17.92 33.74 -12.23
C SER A 99 18.40 35.17 -12.48
N LYS A 100 18.87 35.85 -11.43
CA LYS A 100 19.43 37.20 -11.48
C LYS A 100 20.76 37.19 -12.22
N PHE A 101 21.32 35.99 -12.43
CA PHE A 101 22.63 35.73 -13.05
C PHE A 101 22.55 35.35 -14.54
N GLY A 102 21.54 35.88 -15.22
CA GLY A 102 21.35 35.71 -16.66
C GLY A 102 20.23 34.78 -17.05
N TYR A 103 20.52 33.47 -17.05
CA TYR A 103 19.67 32.34 -17.46
C TYR A 103 18.28 32.23 -16.77
N GLY A 104 17.41 31.43 -17.40
CA GLY A 104 16.05 31.14 -16.94
C GLY A 104 15.77 29.65 -16.71
N ALA A 105 14.50 29.34 -16.44
CA ALA A 105 14.03 27.98 -16.20
C ALA A 105 14.29 27.04 -17.40
N LYS A 106 14.01 27.53 -18.63
CA LYS A 106 14.23 26.76 -19.86
C LYS A 106 15.74 26.56 -20.13
N ASP A 107 16.60 27.59 -19.86
CA ASP A 107 18.07 27.51 -19.94
C ASP A 107 18.50 26.37 -19.02
N VAL A 108 17.93 26.33 -17.78
CA VAL A 108 18.15 25.29 -16.77
C VAL A 108 17.77 23.92 -17.36
N ARG A 109 16.50 23.76 -17.76
CA ARG A 109 15.93 22.54 -18.35
C ARG A 109 16.73 21.99 -19.55
N ASN A 110 17.37 22.89 -20.35
CA ASN A 110 18.18 22.55 -21.51
C ASN A 110 19.63 22.21 -21.15
N LEU A 111 19.97 22.29 -19.85
CA LEU A 111 21.29 22.01 -19.26
C LEU A 111 22.36 22.96 -19.82
N SER A 112 21.94 24.20 -20.22
CA SER A 112 22.80 25.23 -20.79
C SER A 112 23.99 25.52 -19.91
N SER A 113 25.20 25.56 -20.52
CA SER A 113 26.48 25.79 -19.85
C SER A 113 26.45 26.95 -18.86
N LYS A 114 25.89 28.12 -19.25
CA LYS A 114 25.78 29.30 -18.38
C LYS A 114 25.13 28.92 -17.04
N ALA A 115 23.95 28.26 -17.12
CA ALA A 115 23.15 27.80 -15.98
C ALA A 115 23.88 26.75 -15.16
N VAL A 116 24.32 25.63 -15.80
CA VAL A 116 25.04 24.52 -15.16
C VAL A 116 26.32 25.00 -14.46
N ASN A 117 27.06 25.97 -15.07
CA ASN A 117 28.28 26.57 -14.52
C ASN A 117 27.94 27.38 -13.28
N HIS A 118 26.80 28.11 -13.34
CA HIS A 118 26.34 28.89 -12.19
C HIS A 118 25.90 27.98 -11.03
N ILE A 119 25.10 26.93 -11.34
CA ILE A 119 24.60 25.95 -10.36
C ILE A 119 25.78 25.27 -9.63
N HIS A 120 26.87 24.98 -10.38
CA HIS A 120 28.09 24.39 -9.85
C HIS A 120 28.81 25.34 -8.88
N SER A 121 28.77 26.67 -9.13
CA SER A 121 29.41 27.64 -8.24
C SER A 121 28.60 27.87 -6.93
N VAL A 122 27.24 27.81 -7.02
CA VAL A 122 26.34 27.96 -5.87
C VAL A 122 26.53 26.77 -4.91
N TRP A 123 26.58 25.55 -5.48
CA TRP A 123 26.80 24.30 -4.75
C TRP A 123 28.14 24.34 -3.98
N LYS A 124 29.23 24.81 -4.65
CA LYS A 124 30.57 24.97 -4.07
C LYS A 124 30.49 25.94 -2.90
N ASP A 125 29.77 27.05 -3.10
CA ASP A 125 29.54 28.08 -2.10
C ASP A 125 28.79 27.48 -0.88
N LEU A 126 27.74 26.68 -1.12
CA LEU A 126 27.01 26.05 -0.02
C LEU A 126 27.96 25.13 0.80
N LEU A 127 28.82 24.35 0.11
CA LEU A 127 29.77 23.45 0.73
C LEU A 127 30.88 24.14 1.52
N GLU A 128 31.26 25.36 1.09
CA GLU A 128 32.33 26.12 1.74
C GLU A 128 31.87 27.31 2.58
N ASP A 129 30.56 27.55 2.71
CA ASP A 129 30.02 28.68 3.47
C ASP A 129 28.72 28.27 4.15
N THR A 130 28.69 28.29 5.50
CA THR A 130 27.50 27.90 6.27
C THR A 130 26.96 29.04 7.18
N VAL A 131 27.44 30.28 6.99
N VAL A 131 27.43 30.30 7.00
CA VAL A 131 27.07 31.44 7.81
CA VAL A 131 27.02 31.44 7.83
C VAL A 131 26.35 32.56 7.04
C VAL A 131 26.38 32.61 7.05
N THR A 132 26.81 32.87 5.80
CA THR A 132 26.28 33.99 4.98
C THR A 132 24.82 33.85 4.60
N PRO A 133 23.88 34.72 5.09
CA PRO A 133 22.47 34.59 4.66
C PRO A 133 22.30 34.72 3.15
N ILE A 134 21.52 33.79 2.57
CA ILE A 134 21.25 33.74 1.14
C ILE A 134 20.14 34.75 0.84
N ASP A 135 20.36 35.58 -0.18
CA ASP A 135 19.39 36.57 -0.62
C ASP A 135 18.13 35.91 -1.20
N THR A 136 16.96 36.43 -0.82
CA THR A 136 15.66 35.93 -1.26
C THR A 136 14.87 37.07 -1.91
N THR A 137 13.80 36.73 -2.62
CA THR A 137 12.96 37.74 -3.26
C THR A 137 11.56 37.72 -2.64
N ILE A 138 11.08 38.88 -2.19
CA ILE A 138 9.74 39.01 -1.64
C ILE A 138 8.82 39.52 -2.75
N MET A 139 7.69 38.80 -2.97
CA MET A 139 6.73 39.11 -4.03
C MET A 139 5.30 38.83 -3.62
N ALA A 140 4.37 39.68 -4.08
CA ALA A 140 2.96 39.48 -3.82
C ALA A 140 2.43 38.53 -4.90
N LYS A 141 1.72 37.47 -4.48
CA LYS A 141 1.12 36.49 -5.38
C LYS A 141 -0.07 37.12 -6.08
N ASN A 142 -0.35 36.68 -7.31
CA ASN A 142 -1.51 37.15 -8.06
C ASN A 142 -2.47 35.99 -8.10
N GLU A 143 -3.39 35.92 -7.11
CA GLU A 143 -4.40 34.85 -6.97
C GLU A 143 -5.81 35.40 -7.11
N VAL A 144 -6.70 34.58 -7.70
CA VAL A 144 -8.10 34.96 -7.95
C VAL A 144 -9.07 34.44 -6.87
N PHE A 145 -9.93 35.34 -6.36
CA PHE A 145 -10.96 35.03 -5.37
C PHE A 145 -12.31 35.73 -5.68
N CYS A 146 -13.37 35.30 -4.98
CA CYS A 146 -14.71 35.88 -5.00
C CYS A 146 -14.77 36.80 -3.75
N VAL A 147 -15.65 37.83 -3.75
CA VAL A 147 -15.69 38.71 -2.57
C VAL A 147 -16.42 38.04 -1.38
N GLN A 148 -15.89 38.23 -0.15
CA GLN A 148 -16.39 37.70 1.14
C GLN A 148 -16.60 36.19 1.11
N ARG A 154 -12.58 41.18 0.48
CA ARG A 154 -11.34 41.23 -0.32
C ARG A 154 -10.09 40.95 0.51
N LYS A 155 -9.46 39.78 0.25
CA LYS A 155 -8.24 39.31 0.90
C LYS A 155 -6.97 40.09 0.46
N PRO A 156 -6.01 40.43 1.38
CA PRO A 156 -4.75 41.03 0.91
C PRO A 156 -3.88 39.93 0.26
N ALA A 157 -3.03 40.32 -0.71
CA ALA A 157 -2.13 39.43 -1.46
C ALA A 157 -1.23 38.58 -0.59
N ARG A 158 -1.16 37.28 -0.89
CA ARG A 158 -0.29 36.33 -0.18
C ARG A 158 1.14 36.59 -0.60
N LEU A 159 2.11 36.32 0.27
CA LEU A 159 3.51 36.59 -0.05
C LEU A 159 4.29 35.33 -0.47
N ILE A 160 5.21 35.49 -1.45
CA ILE A 160 6.10 34.44 -1.94
C ILE A 160 7.55 34.91 -1.73
N VAL A 161 8.31 34.14 -0.95
CA VAL A 161 9.70 34.42 -0.62
C VAL A 161 10.50 33.26 -1.20
N PHE A 162 11.38 33.55 -2.17
CA PHE A 162 12.15 32.54 -2.85
C PHE A 162 13.61 32.89 -3.09
N PRO A 163 14.54 31.91 -3.01
CA PRO A 163 15.93 32.21 -3.34
C PRO A 163 16.11 32.15 -4.88
N ASP A 164 17.30 32.53 -5.37
CA ASP A 164 17.61 32.51 -6.80
C ASP A 164 17.49 31.12 -7.39
N LEU A 165 17.06 31.04 -8.66
CA LEU A 165 16.90 29.80 -9.41
C LEU A 165 18.09 28.85 -9.26
N GLY A 166 19.30 29.41 -9.24
CA GLY A 166 20.54 28.65 -9.08
C GLY A 166 20.59 27.90 -7.77
N VAL A 167 20.16 28.55 -6.66
CA VAL A 167 20.08 28.01 -5.29
C VAL A 167 19.01 26.92 -5.26
N ARG A 168 17.90 27.15 -6.00
CA ARG A 168 16.75 26.24 -6.08
C ARG A 168 17.10 24.89 -6.71
N VAL A 169 18.01 24.87 -7.71
CA VAL A 169 18.48 23.64 -8.36
C VAL A 169 19.40 22.90 -7.33
N CYS A 170 20.08 23.67 -6.46
CA CYS A 170 20.93 23.12 -5.41
C CYS A 170 20.12 22.47 -4.31
N GLU A 171 18.96 23.07 -3.95
CA GLU A 171 18.00 22.54 -2.98
C GLU A 171 17.52 21.20 -3.50
N LYS A 172 17.23 21.13 -4.82
CA LYS A 172 16.80 19.91 -5.50
C LYS A 172 17.87 18.79 -5.38
N MET A 173 19.17 19.15 -5.52
N MET A 173 19.17 19.15 -5.53
CA MET A 173 20.29 18.22 -5.38
CA MET A 173 20.31 18.24 -5.40
C MET A 173 20.39 17.66 -3.97
C MET A 173 20.38 17.66 -3.97
N ALA A 174 20.34 18.53 -2.96
CA ALA A 174 20.45 18.16 -1.54
C ALA A 174 19.22 17.50 -0.93
N LEU A 175 18.01 17.99 -1.29
CA LEU A 175 16.79 17.59 -0.61
C LEU A 175 15.63 17.02 -1.46
N TYR A 176 15.75 16.95 -2.81
CA TYR A 176 14.62 16.41 -3.57
C TYR A 176 14.22 15.00 -3.11
N ASP A 177 15.18 14.06 -3.06
CA ASP A 177 14.90 12.68 -2.62
C ASP A 177 14.45 12.61 -1.15
N VAL A 178 14.88 13.60 -0.31
CA VAL A 178 14.50 13.69 1.11
C VAL A 178 13.00 14.03 1.24
N VAL A 179 12.57 15.21 0.74
CA VAL A 179 11.17 15.69 0.81
C VAL A 179 10.20 14.70 0.14
N SER A 180 10.74 13.83 -0.71
CA SER A 180 9.99 12.81 -1.42
C SER A 180 9.78 11.54 -0.61
N THR A 181 10.81 11.08 0.12
N THR A 181 10.82 11.07 0.12
CA THR A 181 10.79 9.81 0.88
CA THR A 181 10.80 9.82 0.89
C THR A 181 10.53 9.95 2.40
C THR A 181 10.50 9.97 2.39
N LEU A 182 11.11 10.98 3.06
CA LEU A 182 10.99 11.19 4.51
C LEU A 182 9.56 11.38 5.09
N PRO A 183 8.65 12.24 4.53
CA PRO A 183 7.34 12.41 5.19
C PRO A 183 6.52 11.14 5.35
N GLN A 184 6.60 10.22 4.36
CA GLN A 184 5.89 8.94 4.37
C GLN A 184 6.44 8.00 5.44
N VAL A 185 7.77 7.96 5.63
CA VAL A 185 8.39 7.07 6.62
C VAL A 185 8.04 7.53 8.07
N VAL A 186 8.32 8.80 8.37
CA VAL A 186 8.10 9.42 9.67
C VAL A 186 6.62 9.40 10.14
N MET A 187 5.69 9.67 9.22
CA MET A 187 4.26 9.85 9.50
C MET A 187 3.35 8.73 9.04
N GLY A 188 3.84 7.85 8.17
CA GLY A 188 3.07 6.73 7.65
C GLY A 188 1.78 7.14 6.99
N SER A 189 0.67 6.50 7.38
CA SER A 189 -0.65 6.78 6.80
C SER A 189 -1.18 8.19 7.15
N SER A 190 -0.54 8.91 8.11
CA SER A 190 -0.93 10.29 8.47
C SER A 190 -0.50 11.26 7.37
N TYR A 191 0.53 10.88 6.57
CA TYR A 191 0.99 11.71 5.46
C TYR A 191 -0.03 11.66 4.33
N GLY A 192 -0.70 12.78 4.10
CA GLY A 192 -1.74 12.91 3.09
C GLY A 192 -1.30 13.10 1.65
N PHE A 193 -0.18 13.78 1.42
CA PHE A 193 0.29 14.08 0.06
C PHE A 193 0.70 12.84 -0.76
N GLN A 194 0.61 11.64 -0.18
CA GLN A 194 0.93 10.38 -0.83
C GLN A 194 -0.33 9.77 -1.48
N TYR A 195 -1.52 10.27 -1.09
CA TYR A 195 -2.80 9.76 -1.56
C TYR A 195 -3.34 10.53 -2.71
N SER A 196 -4.11 9.81 -3.55
CA SER A 196 -4.91 10.36 -4.62
C SER A 196 -6.19 10.83 -3.88
N PRO A 197 -7.10 11.65 -4.46
CA PRO A 197 -8.31 12.01 -3.71
C PRO A 197 -9.15 10.78 -3.37
N GLY A 198 -9.12 9.78 -4.26
CA GLY A 198 -9.84 8.52 -4.09
C GLY A 198 -9.34 7.71 -2.91
N GLN A 199 -8.01 7.67 -2.71
CA GLN A 199 -7.36 6.97 -1.60
C GLN A 199 -7.44 7.80 -0.31
N ARG A 200 -7.64 9.12 -0.45
CA ARG A 200 -7.78 10.04 0.67
C ARG A 200 -9.10 9.77 1.34
N VAL A 201 -10.16 9.52 0.51
CA VAL A 201 -11.53 9.17 0.93
C VAL A 201 -11.51 7.84 1.63
N GLU A 202 -10.98 6.78 0.97
CA GLU A 202 -10.89 5.43 1.52
C GLU A 202 -10.31 5.46 2.93
N PHE A 203 -9.17 6.17 3.10
CA PHE A 203 -8.50 6.35 4.38
C PHE A 203 -9.43 6.94 5.44
N LEU A 204 -10.05 8.10 5.17
CA LEU A 204 -10.96 8.84 6.05
C LEU A 204 -12.16 8.03 6.50
N VAL A 205 -12.82 7.36 5.53
CA VAL A 205 -14.00 6.50 5.74
C VAL A 205 -13.62 5.30 6.64
N ASN A 206 -12.53 4.60 6.31
CA ASN A 206 -12.06 3.49 7.12
C ASN A 206 -11.67 3.91 8.53
N THR A 207 -11.13 5.16 8.68
CA THR A 207 -10.77 5.77 9.96
C THR A 207 -12.03 6.06 10.80
N TRP A 208 -13.03 6.72 10.19
CA TRP A 208 -14.29 7.09 10.85
C TRP A 208 -15.02 5.82 11.30
N LYS A 209 -15.03 4.77 10.45
CA LYS A 209 -15.64 3.46 10.72
C LYS A 209 -14.87 2.68 11.81
N SER A 210 -13.56 2.98 12.00
CA SER A 210 -12.71 2.31 12.98
C SER A 210 -12.97 2.78 14.41
N LYS A 211 -13.60 3.96 14.57
CA LYS A 211 -13.89 4.53 15.89
C LYS A 211 -15.26 4.08 16.35
N LYS A 212 -15.41 3.79 17.67
CA LYS A 212 -16.67 3.37 18.31
C LYS A 212 -17.62 4.57 18.24
N ASN A 213 -17.26 5.69 18.87
CA ASN A 213 -18.02 6.92 18.80
C ASN A 213 -17.10 7.96 18.13
N PRO A 214 -17.14 8.07 16.77
CA PRO A 214 -16.21 8.98 16.09
C PRO A 214 -16.44 10.46 16.33
N MET A 215 -15.32 11.19 16.29
CA MET A 215 -15.25 12.64 16.42
C MET A 215 -14.10 13.05 15.53
N GLY A 216 -14.32 14.11 14.80
CA GLY A 216 -13.32 14.66 13.90
C GLY A 216 -13.30 16.18 13.93
N PHE A 217 -12.13 16.77 13.65
CA PHE A 217 -11.96 18.21 13.58
C PHE A 217 -10.83 18.51 12.63
N SER A 218 -10.73 19.76 12.20
CA SER A 218 -9.65 20.24 11.34
C SER A 218 -9.00 21.40 12.08
N TYR A 219 -7.71 21.67 11.84
CA TYR A 219 -7.06 22.77 12.53
C TYR A 219 -6.42 23.73 11.56
N ASP A 220 -6.91 24.98 11.55
CA ASP A 220 -6.41 26.03 10.65
C ASP A 220 -5.46 26.97 11.41
N THR A 221 -4.17 26.97 11.03
CA THR A 221 -3.21 27.86 11.69
C THR A 221 -3.31 29.23 11.04
N ARG A 222 -3.40 30.27 11.90
CA ARG A 222 -3.46 31.65 11.45
C ARG A 222 -2.05 31.88 10.90
N CYS A 223 -1.92 31.95 9.56
N CYS A 223 -1.92 31.91 9.54
CA CYS A 223 -0.66 32.12 8.81
CA CYS A 223 -0.67 32.09 8.79
C CYS A 223 0.49 31.25 9.38
C CYS A 223 0.49 31.25 9.36
N PHE A 224 0.42 29.91 9.13
CA PHE A 224 1.38 28.89 9.62
C PHE A 224 2.85 29.22 9.43
N ASP A 225 3.22 29.64 8.20
CA ASP A 225 4.58 29.99 7.81
C ASP A 225 5.16 30.99 8.78
N SER A 226 4.36 32.04 9.12
CA SER A 226 4.75 33.11 10.05
C SER A 226 4.89 32.67 11.50
N THR A 227 4.35 31.48 11.85
CA THR A 227 4.44 30.94 13.20
C THR A 227 5.66 30.01 13.34
N VAL A 228 6.26 29.58 12.22
CA VAL A 228 7.44 28.71 12.19
C VAL A 228 8.64 29.55 12.68
N THR A 229 9.29 29.07 13.75
CA THR A 229 10.40 29.72 14.46
C THR A 229 11.73 29.08 14.10
N GLU A 230 12.87 29.72 14.45
CA GLU A 230 14.22 29.17 14.23
C GLU A 230 14.29 27.75 14.77
N ASN A 231 13.75 27.51 15.98
CA ASN A 231 13.71 26.22 16.63
C ASN A 231 13.14 25.18 15.68
N ASP A 232 11.92 25.43 15.15
CA ASP A 232 11.20 24.56 14.21
C ASP A 232 12.01 24.21 12.99
N ILE A 233 12.74 25.18 12.43
CA ILE A 233 13.55 24.96 11.22
C ILE A 233 14.82 24.12 11.54
N ARG A 234 15.42 24.30 12.74
CA ARG A 234 16.60 23.54 13.21
C ARG A 234 16.17 22.11 13.55
N VAL A 235 14.96 21.96 14.13
CA VAL A 235 14.36 20.68 14.47
C VAL A 235 14.22 19.87 13.19
N GLU A 236 13.63 20.48 12.13
CA GLU A 236 13.46 19.92 10.79
C GLU A 236 14.79 19.41 10.24
N GLU A 237 15.87 20.26 10.32
CA GLU A 237 17.22 19.93 9.86
C GLU A 237 17.72 18.70 10.57
N SER A 238 17.59 18.67 11.92
CA SER A 238 17.99 17.52 12.74
C SER A 238 17.26 16.24 12.31
N ILE A 239 15.97 16.37 11.87
CA ILE A 239 15.18 15.24 11.36
C ILE A 239 15.82 14.78 10.05
N TYR A 240 16.02 15.71 9.08
CA TYR A 240 16.68 15.41 7.79
C TYR A 240 18.03 14.72 8.00
N GLN A 241 18.82 15.24 8.95
CA GLN A 241 20.15 14.74 9.33
C GLN A 241 20.15 13.33 9.88
N CYS A 242 18.98 12.77 10.26
CA CYS A 242 18.90 11.38 10.72
C CYS A 242 19.07 10.41 9.57
N CYS A 243 18.69 10.83 8.33
CA CYS A 243 18.77 10.03 7.10
C CYS A 243 20.18 9.57 6.80
N ASP A 244 20.31 8.49 6.01
CA ASP A 244 21.58 8.02 5.48
C ASP A 244 21.76 8.97 4.29
N LEU A 245 22.71 9.90 4.43
CA LEU A 245 22.97 10.94 3.44
C LEU A 245 24.43 10.97 3.02
N ALA A 246 24.67 11.50 1.81
CA ALA A 246 26.01 11.69 1.27
C ALA A 246 26.64 12.84 2.09
N PRO A 247 27.95 12.81 2.40
CA PRO A 247 28.55 13.92 3.19
C PRO A 247 28.32 15.32 2.60
N GLU A 248 28.33 15.40 1.26
CA GLU A 248 28.09 16.64 0.51
C GLU A 248 26.67 17.12 0.83
N ALA A 249 25.68 16.19 0.78
CA ALA A 249 24.28 16.43 1.09
C ALA A 249 24.07 16.95 2.51
N ARG A 250 24.66 16.32 3.54
CA ARG A 250 24.59 16.75 4.94
C ARG A 250 25.01 18.21 5.06
N GLN A 251 26.22 18.50 4.52
CA GLN A 251 26.83 19.82 4.51
C GLN A 251 25.92 20.82 3.82
N ALA A 252 25.39 20.45 2.63
CA ALA A 252 24.48 21.28 1.87
C ALA A 252 23.19 21.55 2.67
N ILE A 253 22.66 20.54 3.39
CA ILE A 253 21.45 20.68 4.21
C ILE A 253 21.72 21.68 5.34
N LYS A 254 22.87 21.54 6.02
CA LYS A 254 23.29 22.41 7.13
C LYS A 254 23.41 23.87 6.68
N SER A 255 24.06 24.13 5.50
CA SER A 255 24.22 25.46 4.92
C SER A 255 22.86 26.00 4.45
N LEU A 256 22.06 25.22 3.71
CA LEU A 256 20.73 25.69 3.28
C LEU A 256 19.86 26.01 4.48
N THR A 257 19.96 25.26 5.57
CA THR A 257 19.19 25.56 6.78
C THR A 257 19.64 26.89 7.41
N GLU A 258 20.93 26.96 7.81
CA GLU A 258 21.54 28.11 8.44
C GLU A 258 21.41 29.40 7.65
N ARG A 259 21.74 29.33 6.37
CA ARG A 259 21.76 30.48 5.47
C ARG A 259 20.44 30.85 4.82
N LEU A 260 19.63 29.86 4.46
CA LEU A 260 18.38 30.14 3.78
C LEU A 260 17.10 29.84 4.59
N TYR A 261 16.92 28.58 5.05
CA TYR A 261 15.69 28.12 5.70
C TYR A 261 15.37 28.79 7.03
N ILE A 262 16.36 29.10 7.89
CA ILE A 262 16.09 29.75 9.19
C ILE A 262 15.52 31.19 8.99
N GLY A 263 16.10 31.89 8.04
CA GLY A 263 15.76 33.26 7.71
C GLY A 263 16.78 33.87 6.79
N GLY A 264 16.58 35.13 6.47
CA GLY A 264 17.45 35.89 5.59
C GLY A 264 16.84 37.19 5.13
N PRO A 265 17.64 38.03 4.42
CA PRO A 265 17.11 39.34 3.99
C PRO A 265 16.11 39.20 2.85
N LEU A 266 15.14 40.12 2.81
CA LEU A 266 14.06 40.15 1.82
C LEU A 266 14.27 41.25 0.83
N THR A 267 14.36 40.91 -0.46
CA THR A 267 14.59 41.86 -1.56
C THR A 267 13.39 41.95 -2.51
N ASN A 268 12.99 43.17 -2.91
CA ASN A 268 11.89 43.33 -3.86
C ASN A 268 12.40 43.12 -5.31
N SER A 269 11.49 43.09 -6.29
CA SER A 269 11.88 42.91 -7.69
C SER A 269 12.81 44.04 -8.18
N LYS A 270 12.62 45.26 -7.64
CA LYS A 270 13.39 46.45 -7.98
C LYS A 270 14.81 46.52 -7.29
N GLY A 271 15.18 45.48 -6.55
CA GLY A 271 16.49 45.34 -5.91
C GLY A 271 16.74 46.01 -4.56
N GLN A 272 15.71 46.48 -3.88
CA GLN A 272 15.84 47.14 -2.57
C GLN A 272 15.75 46.14 -1.43
N ASN A 273 16.14 46.56 -0.22
CA ASN A 273 15.96 45.69 0.94
C ASN A 273 14.62 46.06 1.57
N CYS A 274 13.69 45.09 1.67
CA CYS A 274 12.36 45.26 2.28
C CYS A 274 12.43 44.99 3.76
N GLY A 275 13.34 44.10 4.14
CA GLY A 275 13.53 43.71 5.52
C GLY A 275 14.23 42.39 5.70
N TYR A 276 13.91 41.71 6.81
CA TYR A 276 14.50 40.43 7.24
C TYR A 276 13.42 39.48 7.72
N ARG A 277 13.46 38.24 7.20
CA ARG A 277 12.59 37.11 7.52
C ARG A 277 13.23 36.29 8.65
N ARG A 278 12.42 35.77 9.56
CA ARG A 278 12.91 34.95 10.67
C ARG A 278 11.96 33.77 10.87
N CYS A 279 11.28 33.38 9.78
CA CYS A 279 10.30 32.30 9.74
C CYS A 279 10.42 31.57 8.40
N ARG A 280 9.45 30.68 8.10
CA ARG A 280 9.40 29.89 6.87
C ARG A 280 9.31 30.73 5.59
N ALA A 281 10.14 30.39 4.58
CA ALA A 281 10.10 31.00 3.25
C ALA A 281 9.04 30.22 2.49
N SER A 282 8.05 30.92 1.92
CA SER A 282 6.96 30.28 1.16
C SER A 282 7.40 29.58 -0.16
N GLY A 283 8.49 30.05 -0.75
CA GLY A 283 9.03 29.52 -2.00
C GLY A 283 10.33 28.76 -1.93
N VAL A 284 10.48 27.82 -0.94
CA VAL A 284 11.65 26.93 -0.80
C VAL A 284 11.21 25.47 -0.98
N LEU A 285 12.15 24.59 -1.41
CA LEU A 285 11.90 23.15 -1.65
C LEU A 285 11.29 22.44 -0.44
N THR A 286 11.80 22.75 0.77
CA THR A 286 11.37 22.19 2.04
C THR A 286 10.12 22.85 2.67
N THR A 287 9.40 23.76 1.96
CA THR A 287 8.20 24.43 2.51
C THR A 287 7.09 23.42 2.83
N SER A 288 6.75 22.55 1.88
CA SER A 288 5.72 21.53 2.06
C SER A 288 6.12 20.55 3.14
N CYS A 289 7.27 19.86 2.96
CA CYS A 289 7.83 18.86 3.86
C CYS A 289 8.03 19.40 5.28
N GLY A 290 8.74 20.52 5.41
CA GLY A 290 8.97 21.19 6.67
C GLY A 290 7.68 21.48 7.41
N ASN A 291 6.72 22.10 6.71
CA ASN A 291 5.41 22.42 7.27
C ASN A 291 4.67 21.18 7.74
N THR A 292 4.73 20.05 6.97
CA THR A 292 4.06 18.79 7.31
C THR A 292 4.68 18.19 8.56
N LEU A 293 6.02 18.19 8.63
CA LEU A 293 6.72 17.67 9.80
C LEU A 293 6.40 18.50 11.04
N THR A 294 6.57 19.84 10.95
CA THR A 294 6.31 20.74 12.07
C THR A 294 4.82 20.72 12.50
N CYS A 295 3.86 20.56 11.55
CA CYS A 295 2.45 20.49 11.93
C CYS A 295 2.14 19.19 12.66
N TYR A 296 2.58 18.05 12.09
CA TYR A 296 2.44 16.71 12.70
C TYR A 296 3.13 16.64 14.06
N LEU A 297 4.36 17.19 14.20
CA LEU A 297 5.09 17.21 15.46
C LEU A 297 4.31 17.99 16.55
N LYS A 298 3.76 19.17 16.21
CA LYS A 298 3.01 19.97 17.18
C LYS A 298 1.65 19.36 17.51
N ALA A 299 0.93 18.83 16.50
CA ALA A 299 -0.40 18.24 16.66
C ALA A 299 -0.41 16.91 17.39
N SER A 300 0.58 16.03 17.14
CA SER A 300 0.71 14.73 17.82
C SER A 300 0.97 14.98 19.31
N ALA A 301 1.87 15.95 19.63
CA ALA A 301 2.22 16.38 20.97
C ALA A 301 1.01 17.00 21.68
N ALA A 302 0.23 17.84 20.93
CA ALA A 302 -1.00 18.50 21.41
C ALA A 302 -2.15 17.50 21.58
N CYS A 303 -2.13 16.36 20.84
CA CYS A 303 -3.13 15.29 20.95
C CYS A 303 -2.94 14.63 22.31
N ARG A 304 -1.67 14.38 22.70
CA ARG A 304 -1.24 13.78 23.97
C ARG A 304 -1.52 14.72 25.12
N ALA A 305 -1.27 16.03 24.92
CA ALA A 305 -1.55 17.06 25.92
C ALA A 305 -3.06 17.12 26.24
N ALA A 306 -3.93 16.89 25.22
CA ALA A 306 -5.40 16.87 25.29
C ALA A 306 -5.99 15.52 25.76
N LYS A 307 -5.15 14.48 25.90
CA LYS A 307 -5.54 13.10 26.28
C LYS A 307 -6.64 12.56 25.33
N LEU A 308 -6.47 12.85 24.05
CA LEU A 308 -7.37 12.50 22.95
C LEU A 308 -7.26 11.02 22.57
N GLN A 309 -8.31 10.26 22.89
CA GLN A 309 -8.38 8.82 22.66
C GLN A 309 -8.41 8.45 21.20
N ASP A 310 -7.40 7.65 20.78
CA ASP A 310 -7.17 7.12 19.43
C ASP A 310 -7.06 8.19 18.34
N CYS A 311 -6.10 9.14 18.51
CA CYS A 311 -5.84 10.20 17.54
C CYS A 311 -5.35 9.59 16.22
N THR A 312 -6.13 9.80 15.15
CA THR A 312 -5.72 9.42 13.80
C THR A 312 -5.57 10.70 13.03
N MET A 313 -4.34 11.04 12.64
CA MET A 313 -4.04 12.27 11.93
C MET A 313 -4.00 12.09 10.42
N LEU A 314 -4.11 13.23 9.69
CA LEU A 314 -3.98 13.36 8.26
C LEU A 314 -3.47 14.77 8.03
N VAL A 315 -2.12 14.88 7.89
CA VAL A 315 -1.39 16.15 7.75
C VAL A 315 -0.92 16.39 6.31
N ASN A 316 -1.20 17.58 5.80
CA ASN A 316 -0.79 18.02 4.48
C ASN A 316 -0.28 19.42 4.68
N GLY A 317 1.04 19.60 4.75
CA GLY A 317 1.65 20.91 4.96
C GLY A 317 1.15 21.61 6.21
N ASP A 318 0.23 22.56 6.06
CA ASP A 318 -0.30 23.27 7.21
C ASP A 318 -1.72 22.84 7.58
N ASP A 319 -2.34 21.97 6.76
CA ASP A 319 -3.69 21.46 7.03
C ASP A 319 -3.64 20.18 7.83
N LEU A 320 -4.39 20.15 8.92
CA LEU A 320 -4.49 19.02 9.83
C LEU A 320 -5.92 18.55 10.01
N VAL A 321 -6.15 17.24 9.91
CA VAL A 321 -7.43 16.59 10.20
C VAL A 321 -7.14 15.46 11.16
N VAL A 322 -7.80 15.48 12.33
CA VAL A 322 -7.69 14.44 13.37
C VAL A 322 -9.06 13.77 13.53
N ILE A 323 -9.07 12.43 13.60
CA ILE A 323 -10.26 11.62 13.87
C ILE A 323 -9.91 10.77 15.10
N CYS A 324 -10.74 10.88 16.15
CA CYS A 324 -10.54 10.17 17.42
C CYS A 324 -11.85 9.64 18.05
N GLU A 325 -11.77 9.24 19.33
CA GLU A 325 -12.89 8.71 20.10
C GLU A 325 -13.53 9.85 20.91
N SER A 326 -14.82 10.10 20.62
CA SER A 326 -15.64 11.14 21.24
C SER A 326 -15.88 10.83 22.72
N ALA A 327 -16.07 11.86 23.54
CA ALA A 327 -16.37 11.76 24.98
C ALA A 327 -17.56 12.70 25.32
N GLY A 328 -18.45 12.89 24.34
CA GLY A 328 -19.59 13.78 24.43
C GLY A 328 -19.19 15.17 24.00
N THR A 329 -20.13 15.92 23.41
CA THR A 329 -19.90 17.27 22.88
C THR A 329 -19.18 18.26 23.82
N GLN A 330 -19.39 18.19 25.15
CA GLN A 330 -18.79 19.12 26.13
C GLN A 330 -17.36 18.79 26.48
N GLU A 331 -17.04 17.49 26.67
CA GLU A 331 -15.69 17.04 26.96
C GLU A 331 -14.83 17.18 25.70
N ASP A 332 -15.43 16.94 24.52
CA ASP A 332 -14.77 17.12 23.24
C ASP A 332 -14.45 18.58 23.01
N ALA A 333 -15.37 19.50 23.38
CA ALA A 333 -15.15 20.95 23.23
C ALA A 333 -14.05 21.38 24.18
N ALA A 334 -13.99 20.74 25.36
CA ALA A 334 -12.98 20.98 26.39
C ALA A 334 -11.60 20.54 25.89
N SER A 335 -11.49 19.30 25.39
CA SER A 335 -10.29 18.69 24.82
C SER A 335 -9.68 19.57 23.73
N LEU A 336 -10.53 20.09 22.80
CA LEU A 336 -10.10 20.95 21.70
C LEU A 336 -9.53 22.27 22.21
N ARG A 337 -10.05 22.79 23.36
CA ARG A 337 -9.50 24.02 23.95
C ARG A 337 -8.12 23.72 24.44
N VAL A 338 -7.92 22.53 25.07
CA VAL A 338 -6.62 22.04 25.58
C VAL A 338 -5.66 21.89 24.40
N PHE A 339 -6.16 21.35 23.28
CA PHE A 339 -5.39 21.16 22.06
C PHE A 339 -4.93 22.52 21.48
N THR A 340 -5.86 23.49 21.39
CA THR A 340 -5.62 24.86 20.91
C THR A 340 -4.65 25.59 21.84
N GLU A 341 -4.69 25.28 23.17
CA GLU A 341 -3.79 25.86 24.18
C GLU A 341 -2.38 25.34 23.92
N ALA A 342 -2.24 24.00 23.74
CA ALA A 342 -0.98 23.32 23.44
C ALA A 342 -0.37 23.84 22.14
N MET A 343 -1.19 23.91 21.04
CA MET A 343 -0.76 24.38 19.73
C MET A 343 -0.20 25.81 19.77
N THR A 344 -0.86 26.71 20.54
CA THR A 344 -0.47 28.10 20.77
C THR A 344 0.85 28.17 21.54
N ARG A 345 1.05 27.25 22.52
CA ARG A 345 2.30 27.17 23.30
C ARG A 345 3.46 26.77 22.41
N TYR A 346 3.17 25.91 21.43
CA TYR A 346 4.14 25.41 20.45
C TYR A 346 4.40 26.40 19.35
N SER A 347 3.74 27.59 19.38
CA SER A 347 3.85 28.66 18.38
C SER A 347 3.19 28.23 17.08
N ALA A 348 1.91 27.84 17.17
CA ALA A 348 1.02 27.46 16.08
C ALA A 348 -0.43 27.77 16.50
N PRO A 349 -0.77 29.06 16.81
CA PRO A 349 -2.16 29.36 17.22
C PRO A 349 -3.13 29.33 16.04
N PRO A 350 -4.47 29.33 16.26
CA PRO A 350 -5.39 29.25 15.10
C PRO A 350 -6.01 30.58 14.67
N GLY A 351 -6.65 30.54 13.51
CA GLY A 351 -7.40 31.67 12.96
C GLY A 351 -8.79 31.58 13.55
N ASP A 352 -9.45 30.45 13.26
CA ASP A 352 -10.74 30.04 13.80
C ASP A 352 -10.47 28.76 14.62
N PRO A 353 -10.79 28.75 15.94
CA PRO A 353 -10.51 27.55 16.75
C PRO A 353 -11.33 26.32 16.31
N PRO A 354 -10.76 25.09 16.37
CA PRO A 354 -11.47 23.90 15.88
C PRO A 354 -12.77 23.57 16.61
N GLN A 355 -13.74 23.04 15.85
CA GLN A 355 -15.05 22.60 16.34
C GLN A 355 -15.23 21.10 16.15
N PRO A 356 -15.74 20.37 17.17
CA PRO A 356 -15.95 18.92 17.01
C PRO A 356 -17.09 18.62 16.03
N GLU A 357 -16.81 17.71 15.10
CA GLU A 357 -17.73 17.26 14.07
C GLU A 357 -18.03 15.79 14.28
N TYR A 358 -19.31 15.43 14.18
CA TYR A 358 -19.82 14.09 14.43
C TYR A 358 -20.34 13.41 13.17
N ASP A 359 -20.03 14.05 12.05
CA ASP A 359 -20.38 13.60 10.71
C ASP A 359 -19.18 13.92 9.83
N LEU A 360 -18.62 12.87 9.20
CA LEU A 360 -17.44 12.95 8.31
C LEU A 360 -17.60 14.01 7.26
N GLU A 361 -18.79 14.05 6.63
CA GLU A 361 -19.17 14.99 5.59
C GLU A 361 -19.16 16.45 6.06
N LEU A 362 -18.96 16.71 7.37
CA LEU A 362 -18.94 18.08 7.92
C LEU A 362 -17.52 18.62 8.22
N ILE A 363 -16.49 17.75 8.24
CA ILE A 363 -15.09 18.14 8.44
C ILE A 363 -14.52 18.74 7.13
N THR A 364 -13.98 20.00 7.21
CA THR A 364 -13.36 20.73 6.10
C THR A 364 -11.84 20.51 6.08
N SER A 365 -11.41 19.55 5.27
CA SER A 365 -10.04 19.09 5.08
C SER A 365 -9.49 19.62 3.74
N CYS A 366 -8.45 20.52 3.76
CA CYS A 366 -7.81 21.11 2.57
C CYS A 366 -8.85 21.82 1.68
N SER A 367 -9.71 22.68 2.30
CA SER A 367 -10.83 23.42 1.67
C SER A 367 -11.90 22.50 1.05
N SER A 368 -11.70 21.17 1.16
CA SER A 368 -12.57 20.09 0.67
C SER A 368 -13.31 19.41 1.83
N ASN A 369 -14.17 18.42 1.51
CA ASN A 369 -14.95 17.57 2.42
C ASN A 369 -15.48 16.33 1.69
N VAL A 370 -15.81 15.28 2.46
CA VAL A 370 -16.41 14.05 1.95
C VAL A 370 -17.90 14.30 1.65
N SER A 371 -18.42 13.59 0.64
CA SER A 371 -19.82 13.66 0.26
C SER A 371 -20.18 12.33 -0.38
N VAL A 372 -21.49 12.05 -0.50
CA VAL A 372 -21.96 10.79 -1.04
C VAL A 372 -22.88 11.04 -2.26
N ALA A 373 -22.80 10.11 -3.20
CA ALA A 373 -23.57 10.02 -4.44
C ALA A 373 -23.70 8.51 -4.72
N HIS A 374 -24.20 8.11 -5.90
CA HIS A 374 -24.37 6.70 -6.23
C HIS A 374 -23.76 6.34 -7.59
N ASP A 375 -23.22 5.13 -7.73
CA ASP A 375 -22.62 4.65 -8.98
C ASP A 375 -23.70 4.17 -9.97
N ALA A 376 -23.31 3.40 -11.01
CA ALA A 376 -24.24 2.83 -11.99
C ALA A 376 -25.16 1.80 -11.32
N SER A 377 -24.58 0.94 -10.44
CA SER A 377 -25.30 -0.08 -9.69
C SER A 377 -26.17 0.46 -8.54
N GLY A 378 -26.07 1.75 -8.25
CA GLY A 378 -26.84 2.40 -7.20
C GLY A 378 -26.20 2.39 -5.83
N LYS A 379 -24.99 1.79 -5.73
CA LYS A 379 -24.16 1.66 -4.53
C LYS A 379 -23.72 3.05 -4.01
N ARG A 380 -23.93 3.31 -2.71
CA ARG A 380 -23.52 4.57 -2.06
C ARG A 380 -22.00 4.68 -2.14
N VAL A 381 -21.52 5.76 -2.79
CA VAL A 381 -20.09 6.03 -3.02
C VAL A 381 -19.64 7.37 -2.40
N TYR A 382 -18.59 7.32 -1.55
CA TYR A 382 -17.97 8.49 -0.91
C TYR A 382 -16.92 9.05 -1.86
N TYR A 383 -16.90 10.36 -2.03
CA TYR A 383 -15.96 11.09 -2.89
C TYR A 383 -15.64 12.43 -2.22
N LEU A 384 -14.59 13.13 -2.72
CA LEU A 384 -14.20 14.44 -2.22
C LEU A 384 -14.68 15.58 -3.11
N THR A 385 -15.31 16.58 -2.49
CA THR A 385 -15.85 17.77 -3.12
C THR A 385 -15.38 19.00 -2.35
N ARG A 386 -15.81 20.19 -2.75
CA ARG A 386 -15.48 21.45 -2.07
C ARG A 386 -16.47 22.51 -2.50
N ASP A 387 -16.39 23.71 -1.89
CA ASP A 387 -17.24 24.83 -2.30
C ASP A 387 -16.78 25.25 -3.69
N PRO A 388 -17.66 25.30 -4.70
CA PRO A 388 -17.19 25.64 -6.05
C PRO A 388 -16.89 27.13 -6.28
N THR A 389 -17.14 28.00 -5.28
CA THR A 389 -16.93 29.46 -5.39
C THR A 389 -15.55 29.81 -5.93
N THR A 390 -14.46 29.47 -5.20
CA THR A 390 -13.10 29.81 -5.63
C THR A 390 -12.77 29.13 -6.98
N PRO A 391 -12.94 27.79 -7.18
CA PRO A 391 -12.67 27.20 -8.51
C PRO A 391 -13.41 27.90 -9.65
N LEU A 392 -14.70 28.26 -9.45
CA LEU A 392 -15.49 28.92 -10.50
C LEU A 392 -15.06 30.34 -10.78
N ALA A 393 -14.61 31.07 -9.75
CA ALA A 393 -14.09 32.43 -9.88
C ALA A 393 -12.78 32.44 -10.71
N ARG A 394 -11.90 31.43 -10.49
CA ARG A 394 -10.62 31.29 -11.19
C ARG A 394 -10.85 30.83 -12.62
N ALA A 395 -11.88 29.97 -12.81
CA ALA A 395 -12.30 29.46 -14.11
C ALA A 395 -12.70 30.65 -14.99
N ALA A 396 -13.38 31.66 -14.37
CA ALA A 396 -13.79 32.90 -15.02
C ALA A 396 -12.56 33.71 -15.45
N TRP A 397 -11.48 33.71 -14.63
CA TRP A 397 -10.25 34.41 -15.01
C TRP A 397 -9.57 33.72 -16.20
N GLU A 398 -9.59 32.38 -16.21
CA GLU A 398 -8.99 31.54 -17.24
C GLU A 398 -9.84 31.43 -18.50
N THR A 399 -10.98 32.16 -18.55
CA THR A 399 -11.86 32.19 -19.72
C THR A 399 -11.39 33.31 -20.66
N ALA A 400 -10.79 34.37 -20.08
CA ALA A 400 -10.31 35.54 -20.80
C ALA A 400 -8.79 35.75 -20.76
N ARG A 401 -8.08 35.04 -19.86
CA ARG A 401 -6.63 35.18 -19.68
C ARG A 401 -5.94 33.85 -19.60
N HIS A 402 -4.79 33.74 -20.28
CA HIS A 402 -3.94 32.55 -20.26
C HIS A 402 -3.00 32.66 -19.05
N THR A 403 -3.13 31.72 -18.10
CA THR A 403 -2.32 31.68 -16.89
C THR A 403 -1.27 30.56 -17.00
N PRO A 404 -0.14 30.59 -16.24
CA PRO A 404 0.84 29.50 -16.36
C PRO A 404 0.33 28.23 -15.68
N VAL A 405 -0.66 28.39 -14.77
CA VAL A 405 -1.31 27.32 -14.00
C VAL A 405 -2.79 27.28 -14.37
N ASN A 406 -3.23 26.19 -15.02
CA ASN A 406 -4.63 26.11 -15.38
C ASN A 406 -5.41 25.44 -14.27
N SER A 407 -5.96 26.28 -13.38
CA SER A 407 -6.72 25.85 -12.20
C SER A 407 -7.92 25.00 -12.58
N TRP A 408 -8.63 25.38 -13.68
CA TRP A 408 -9.77 24.63 -14.20
C TRP A 408 -9.36 23.21 -14.59
N LEU A 409 -8.08 23.01 -14.99
CA LEU A 409 -7.61 21.69 -15.40
C LEU A 409 -7.31 20.85 -14.16
N GLY A 410 -6.72 21.46 -13.14
CA GLY A 410 -6.44 20.80 -11.87
C GLY A 410 -7.72 20.47 -11.13
N ASN A 411 -8.71 21.37 -11.20
CA ASN A 411 -10.01 21.20 -10.55
C ASN A 411 -10.80 20.07 -11.19
N ILE A 412 -10.69 19.89 -12.54
CA ILE A 412 -11.30 18.80 -13.30
C ILE A 412 -10.66 17.49 -12.84
N ILE A 413 -9.33 17.48 -12.68
CA ILE A 413 -8.54 16.31 -12.26
C ILE A 413 -8.84 15.89 -10.80
N MET A 414 -8.66 16.81 -9.87
CA MET A 414 -8.81 16.54 -8.44
C MET A 414 -10.26 16.38 -7.98
N TYR A 415 -11.21 17.01 -8.70
CA TYR A 415 -12.64 16.97 -8.35
C TYR A 415 -13.50 16.42 -9.47
N ALA A 416 -12.95 15.47 -10.25
CA ALA A 416 -13.66 14.81 -11.35
C ALA A 416 -15.00 14.18 -10.96
N PRO A 417 -15.21 13.52 -9.80
CA PRO A 417 -16.54 12.92 -9.55
C PRO A 417 -17.60 13.87 -8.98
N THR A 418 -17.25 15.17 -8.83
CA THR A 418 -18.17 16.17 -8.29
C THR A 418 -19.17 16.61 -9.34
N LEU A 419 -20.32 17.07 -8.88
CA LEU A 419 -21.43 17.58 -9.66
C LEU A 419 -20.94 18.78 -10.51
N TRP A 420 -20.37 19.81 -9.85
CA TRP A 420 -19.87 21.08 -10.41
C TRP A 420 -18.72 20.96 -11.42
N ALA A 421 -17.68 20.14 -11.15
CA ALA A 421 -16.53 20.00 -12.04
C ALA A 421 -16.92 19.31 -13.33
N ARG A 422 -17.88 18.38 -13.24
CA ARG A 422 -18.38 17.60 -14.36
C ARG A 422 -19.33 18.44 -15.19
N MET A 423 -20.32 19.07 -14.54
CA MET A 423 -21.35 19.82 -15.24
C MET A 423 -20.90 21.14 -15.80
N ILE A 424 -20.22 21.95 -14.98
CA ILE A 424 -19.78 23.29 -15.40
C ILE A 424 -18.39 23.30 -15.99
N LEU A 425 -17.38 22.90 -15.22
CA LEU A 425 -15.99 23.04 -15.63
C LEU A 425 -15.62 22.25 -16.88
N MET A 426 -15.94 20.93 -16.92
CA MET A 426 -15.65 20.06 -18.06
C MET A 426 -16.32 20.59 -19.31
N THR A 427 -17.62 20.93 -19.22
CA THR A 427 -18.46 21.44 -20.32
C THR A 427 -17.90 22.73 -20.91
N HIS A 428 -17.77 23.76 -20.07
CA HIS A 428 -17.28 25.09 -20.44
C HIS A 428 -15.95 25.02 -21.16
N PHE A 429 -14.96 24.43 -20.52
CA PHE A 429 -13.61 24.39 -21.04
C PHE A 429 -13.47 23.47 -22.24
N PHE A 430 -14.26 22.38 -22.31
CA PHE A 430 -14.18 21.53 -23.49
C PHE A 430 -14.77 22.22 -24.73
N SER A 431 -15.81 23.07 -24.57
CA SER A 431 -16.35 23.81 -25.69
C SER A 431 -15.33 24.84 -26.19
N ILE A 432 -14.58 25.46 -25.26
CA ILE A 432 -13.51 26.41 -25.55
C ILE A 432 -12.40 25.69 -26.35
N LEU A 433 -11.92 24.52 -25.84
CA LEU A 433 -10.88 23.70 -26.49
C LEU A 433 -11.29 23.21 -27.87
N LEU A 434 -12.60 22.92 -28.06
CA LEU A 434 -13.12 22.48 -29.36
C LEU A 434 -13.06 23.67 -30.34
N ALA A 435 -13.61 24.84 -29.93
CA ALA A 435 -13.71 26.11 -30.67
C ALA A 435 -12.36 26.64 -31.15
N GLN A 436 -11.32 26.47 -30.32
CA GLN A 436 -9.96 26.93 -30.60
C GLN A 436 -9.09 25.82 -31.20
N GLU A 437 -9.57 24.56 -31.16
CA GLU A 437 -8.89 23.34 -31.61
C GLU A 437 -7.55 23.17 -30.87
N GLN A 438 -7.52 23.58 -29.58
CA GLN A 438 -6.39 23.52 -28.66
C GLN A 438 -6.50 22.25 -27.78
N LEU A 439 -7.30 21.28 -28.26
CA LEU A 439 -7.59 20.01 -27.62
C LEU A 439 -6.35 19.08 -27.50
N GLU A 440 -5.50 19.03 -28.56
CA GLU A 440 -4.26 18.23 -28.62
C GLU A 440 -3.09 18.96 -27.92
N LYS A 441 -3.20 20.30 -27.73
CA LYS A 441 -2.18 21.13 -27.09
C LYS A 441 -2.12 20.82 -25.58
N ALA A 442 -0.94 20.39 -25.08
CA ALA A 442 -0.72 20.09 -23.66
C ALA A 442 -0.73 21.37 -22.85
N LEU A 443 -1.33 21.31 -21.66
CA LEU A 443 -1.45 22.46 -20.78
C LEU A 443 -0.76 22.26 -19.44
N ASP A 444 -0.15 23.34 -18.94
CA ASP A 444 0.56 23.35 -17.66
C ASP A 444 -0.39 23.65 -16.51
N CYS A 445 -0.56 22.71 -15.58
CA CYS A 445 -1.39 22.92 -14.40
C CYS A 445 -0.64 22.58 -13.10
N GLN A 446 -1.29 22.70 -11.93
CA GLN A 446 -0.68 22.41 -10.63
C GLN A 446 -1.50 21.47 -9.78
N ILE A 447 -0.84 20.44 -9.26
CA ILE A 447 -1.45 19.43 -8.40
C ILE A 447 -0.54 19.25 -7.19
N TYR A 448 -1.10 19.39 -5.96
CA TYR A 448 -0.39 19.29 -4.65
C TYR A 448 0.82 20.27 -4.57
N GLY A 449 0.75 21.36 -5.35
CA GLY A 449 1.79 22.37 -5.45
C GLY A 449 2.85 22.07 -6.48
N ALA A 450 2.78 20.86 -7.11
CA ALA A 450 3.70 20.38 -8.16
C ALA A 450 3.17 20.73 -9.55
N CYS A 451 4.06 21.18 -10.46
N CYS A 451 4.05 21.20 -10.46
CA CYS A 451 3.69 21.55 -11.82
CA CYS A 451 3.66 21.54 -11.82
C CYS A 451 3.61 20.33 -12.77
C CYS A 451 3.58 20.31 -12.73
N TYR A 452 2.52 20.25 -13.55
CA TYR A 452 2.28 19.15 -14.49
C TYR A 452 1.92 19.66 -15.86
N SER A 453 2.36 18.94 -16.89
CA SER A 453 1.95 19.24 -18.26
C SER A 453 1.00 18.09 -18.62
N ILE A 454 -0.29 18.41 -18.82
CA ILE A 454 -1.32 17.42 -19.12
C ILE A 454 -1.94 17.66 -20.49
N GLU A 455 -2.10 16.57 -21.25
CA GLU A 455 -2.76 16.60 -22.55
C GLU A 455 -4.26 16.48 -22.22
N PRO A 456 -5.08 17.56 -22.46
CA PRO A 456 -6.52 17.49 -22.11
C PRO A 456 -7.31 16.30 -22.66
N LEU A 457 -6.86 15.67 -23.76
CA LEU A 457 -7.51 14.50 -24.34
C LEU A 457 -7.30 13.22 -23.53
N ASP A 458 -6.25 13.23 -22.67
CA ASP A 458 -5.91 12.11 -21.78
C ASP A 458 -6.69 12.14 -20.46
N LEU A 459 -7.56 13.14 -20.28
CA LEU A 459 -8.37 13.31 -19.08
C LEU A 459 -9.17 12.06 -18.66
N PRO A 460 -9.88 11.29 -19.56
CA PRO A 460 -10.59 10.09 -19.06
C PRO A 460 -9.65 9.03 -18.49
N GLN A 461 -8.42 8.91 -19.03
CA GLN A 461 -7.38 7.98 -18.58
C GLN A 461 -6.93 8.40 -17.17
N ILE A 462 -6.53 9.70 -17.00
CA ILE A 462 -6.08 10.33 -15.75
C ILE A 462 -7.14 10.22 -14.65
N ILE A 463 -8.42 10.51 -15.00
CA ILE A 463 -9.52 10.48 -14.03
C ILE A 463 -9.76 9.07 -13.51
N GLU A 464 -9.78 8.06 -14.42
CA GLU A 464 -9.94 6.66 -14.06
C GLU A 464 -8.85 6.27 -13.07
N ARG A 465 -7.59 6.67 -13.34
CA ARG A 465 -6.45 6.36 -12.48
C ARG A 465 -6.43 7.11 -11.11
N LEU A 466 -7.27 8.15 -10.91
CA LEU A 466 -7.33 8.91 -9.65
C LEU A 466 -8.62 8.65 -8.83
N HIS A 467 -9.73 8.22 -9.49
CA HIS A 467 -11.06 8.05 -8.90
C HIS A 467 -11.78 6.73 -9.26
N GLY A 468 -11.42 6.14 -10.39
CA GLY A 468 -12.05 4.94 -10.92
C GLY A 468 -13.06 5.30 -12.00
N LEU A 469 -13.73 4.28 -12.58
CA LEU A 469 -14.74 4.44 -13.63
C LEU A 469 -16.00 5.06 -13.04
N SER A 470 -16.18 4.92 -11.72
CA SER A 470 -17.33 5.43 -10.96
C SER A 470 -17.53 6.93 -11.12
N ALA A 471 -16.44 7.69 -11.26
CA ALA A 471 -16.43 9.15 -11.43
C ALA A 471 -17.24 9.57 -12.65
N PHE A 472 -17.25 8.72 -13.69
CA PHE A 472 -17.97 8.95 -14.94
C PHE A 472 -19.40 8.45 -14.87
N SER A 473 -19.79 7.77 -13.77
CA SER A 473 -21.11 7.19 -13.57
C SER A 473 -21.86 7.72 -12.33
N LEU A 474 -21.27 8.65 -11.58
CA LEU A 474 -21.90 9.20 -10.38
C LEU A 474 -23.20 9.91 -10.67
N HIS A 475 -24.17 9.78 -9.76
CA HIS A 475 -25.50 10.42 -9.81
C HIS A 475 -26.09 10.54 -8.39
N SER A 476 -27.31 11.11 -8.27
CA SER A 476 -28.05 11.28 -7.02
C SER A 476 -27.17 11.81 -5.87
N TYR A 477 -26.70 13.04 -6.07
CA TYR A 477 -25.83 13.78 -5.16
C TYR A 477 -26.59 14.23 -3.90
N SER A 478 -25.89 14.37 -2.75
CA SER A 478 -26.56 14.76 -1.51
C SER A 478 -27.21 16.15 -1.63
N PRO A 479 -28.45 16.35 -1.11
CA PRO A 479 -29.10 17.68 -1.24
C PRO A 479 -28.30 18.82 -0.63
N GLY A 480 -27.46 18.53 0.35
CA GLY A 480 -26.58 19.51 0.98
C GLY A 480 -25.56 20.02 -0.02
N GLU A 481 -25.01 19.09 -0.82
CA GLU A 481 -24.05 19.36 -1.89
C GLU A 481 -24.74 20.13 -3.01
N ILE A 482 -25.87 19.58 -3.53
CA ILE A 482 -26.67 20.22 -4.58
C ILE A 482 -26.96 21.69 -4.24
N ASN A 483 -27.38 21.96 -2.98
CA ASN A 483 -27.73 23.30 -2.51
C ASN A 483 -26.53 24.25 -2.39
N ARG A 484 -25.34 23.72 -2.03
CA ARG A 484 -24.13 24.55 -1.94
C ARG A 484 -23.79 25.05 -3.35
N VAL A 485 -23.81 24.13 -4.35
CA VAL A 485 -23.55 24.41 -5.76
C VAL A 485 -24.58 25.42 -6.27
N ALA A 486 -25.90 25.10 -6.13
CA ALA A 486 -27.01 25.95 -6.56
C ALA A 486 -26.88 27.39 -6.04
N SER A 487 -26.66 27.56 -4.71
CA SER A 487 -26.49 28.86 -4.05
C SER A 487 -25.27 29.63 -4.56
N CYS A 488 -24.17 28.90 -4.90
CA CYS A 488 -22.92 29.45 -5.45
C CYS A 488 -23.18 29.97 -6.86
N LEU A 489 -23.93 29.18 -7.69
CA LEU A 489 -24.32 29.53 -9.05
C LEU A 489 -25.15 30.80 -9.04
N ARG A 490 -25.95 30.98 -7.96
CA ARG A 490 -26.78 32.16 -7.73
C ARG A 490 -25.90 33.38 -7.37
N LYS A 491 -24.93 33.16 -6.47
CA LYS A 491 -23.98 34.17 -5.96
C LYS A 491 -23.18 34.82 -7.09
N LEU A 492 -22.45 34.00 -7.87
CA LEU A 492 -21.61 34.43 -8.99
C LEU A 492 -22.37 34.80 -10.28
N GLY A 493 -23.57 34.26 -10.44
CA GLY A 493 -24.39 34.50 -11.62
C GLY A 493 -24.07 33.53 -12.73
N VAL A 494 -23.82 32.27 -12.34
CA VAL A 494 -23.50 31.18 -13.24
C VAL A 494 -24.82 30.60 -13.77
N PRO A 495 -24.93 30.32 -15.10
CA PRO A 495 -26.18 29.72 -15.61
C PRO A 495 -26.55 28.44 -14.85
N PRO A 496 -27.85 28.15 -14.60
CA PRO A 496 -28.20 26.95 -13.81
C PRO A 496 -27.78 25.63 -14.46
N LEU A 497 -27.65 24.57 -13.63
CA LEU A 497 -27.25 23.22 -14.02
C LEU A 497 -28.01 22.68 -15.24
N ARG A 498 -29.32 22.99 -15.38
CA ARG A 498 -30.10 22.55 -16.55
C ARG A 498 -29.50 23.13 -17.85
N VAL A 499 -28.99 24.38 -17.79
CA VAL A 499 -28.34 25.07 -18.92
C VAL A 499 -27.04 24.29 -19.29
N TRP A 500 -26.26 23.88 -18.25
CA TRP A 500 -25.02 23.13 -18.42
C TRP A 500 -25.24 21.73 -18.98
N ARG A 501 -26.36 21.04 -18.61
CA ARG A 501 -26.70 19.71 -19.15
C ARG A 501 -27.00 19.84 -20.66
N HIS A 502 -27.70 20.93 -21.05
CA HIS A 502 -28.05 21.21 -22.44
C HIS A 502 -26.77 21.50 -23.24
N ARG A 503 -25.86 22.27 -22.64
CA ARG A 503 -24.57 22.62 -23.23
C ARG A 503 -23.64 21.39 -23.35
N ALA A 504 -23.67 20.48 -22.35
CA ALA A 504 -22.84 19.26 -22.35
C ALA A 504 -23.23 18.26 -23.46
N ARG A 505 -24.52 18.24 -23.84
CA ARG A 505 -25.05 17.41 -24.92
C ARG A 505 -24.40 17.84 -26.23
N SER A 506 -24.30 19.17 -26.45
CA SER A 506 -23.64 19.80 -27.60
C SER A 506 -22.15 19.50 -27.60
N VAL A 507 -21.46 19.74 -26.47
CA VAL A 507 -20.02 19.46 -26.31
C VAL A 507 -19.75 17.99 -26.66
N ARG A 508 -20.54 17.07 -26.06
CA ARG A 508 -20.47 15.64 -26.30
C ARG A 508 -20.72 15.29 -27.76
N ALA A 509 -21.72 15.92 -28.40
CA ALA A 509 -22.02 15.64 -29.80
C ALA A 509 -20.88 16.08 -30.72
N ARG A 510 -20.29 17.28 -30.43
CA ARG A 510 -19.14 17.87 -31.12
C ARG A 510 -17.91 16.98 -30.96
N LEU A 511 -17.71 16.42 -29.74
CA LEU A 511 -16.58 15.56 -29.38
C LEU A 511 -16.62 14.19 -30.07
N LEU A 512 -17.80 13.60 -30.23
CA LEU A 512 -17.91 12.30 -30.91
C LEU A 512 -17.52 12.45 -32.38
N SER A 513 -18.03 13.53 -33.04
CA SER A 513 -17.79 13.90 -34.44
C SER A 513 -16.29 14.01 -34.77
N GLN A 514 -15.46 14.49 -33.81
CA GLN A 514 -14.00 14.65 -33.95
C GLN A 514 -13.26 13.30 -33.99
N GLY A 515 -13.84 12.28 -33.37
CA GLY A 515 -13.27 10.93 -33.29
C GLY A 515 -12.03 10.83 -32.45
N GLY A 516 -11.53 9.60 -32.31
CA GLY A 516 -10.32 9.29 -31.54
C GLY A 516 -10.46 9.50 -30.05
N ARG A 517 -9.49 10.23 -29.45
CA ARG A 517 -9.48 10.55 -28.01
C ARG A 517 -10.62 11.50 -27.65
N ALA A 518 -11.01 12.39 -28.59
CA ALA A 518 -12.12 13.34 -28.42
C ALA A 518 -13.44 12.57 -28.25
N ALA A 519 -13.62 11.45 -29.00
CA ALA A 519 -14.79 10.58 -28.92
C ALA A 519 -14.83 9.92 -27.55
N THR A 520 -13.65 9.51 -27.02
CA THR A 520 -13.48 8.91 -25.68
C THR A 520 -13.79 9.98 -24.62
N CYS A 521 -13.31 11.24 -24.86
CA CYS A 521 -13.55 12.41 -24.01
C CYS A 521 -15.07 12.63 -23.90
N GLY A 522 -15.78 12.71 -25.04
CA GLY A 522 -17.22 12.87 -25.10
C GLY A 522 -17.99 11.70 -24.51
N LYS A 523 -17.52 10.46 -24.78
CA LYS A 523 -18.14 9.23 -24.29
C LYS A 523 -18.00 9.04 -22.79
N TYR A 524 -16.81 9.33 -22.21
CA TYR A 524 -16.58 9.14 -20.78
C TYR A 524 -16.89 10.35 -19.92
N LEU A 525 -16.43 11.54 -20.33
CA LEU A 525 -16.64 12.75 -19.56
C LEU A 525 -18.06 13.28 -19.61
N PHE A 526 -18.78 13.07 -20.73
CA PHE A 526 -20.12 13.66 -20.88
C PHE A 526 -21.30 12.69 -20.99
N ASN A 527 -21.09 11.40 -20.68
CA ASN A 527 -22.10 10.33 -20.65
C ASN A 527 -23.32 10.64 -19.76
N TRP A 528 -23.11 11.45 -18.71
CA TRP A 528 -24.12 11.88 -17.75
C TRP A 528 -25.22 12.74 -18.38
N ALA A 529 -24.89 13.49 -19.47
CA ALA A 529 -25.77 14.43 -20.18
C ALA A 529 -26.78 13.79 -21.12
N VAL A 530 -26.43 12.67 -21.75
CA VAL A 530 -27.30 12.01 -22.72
C VAL A 530 -28.41 11.17 -22.08
N LYS A 531 -29.57 11.11 -22.76
CA LYS A 531 -30.73 10.31 -22.34
C LYS A 531 -30.51 8.81 -22.62
N THR A 532 -29.65 8.50 -23.60
CA THR A 532 -29.29 7.11 -23.97
C THR A 532 -27.85 6.85 -23.49
N LYS A 533 -27.71 6.37 -22.24
CA LYS A 533 -26.40 6.08 -21.63
C LYS A 533 -25.61 4.98 -22.35
N LEU A 534 -24.27 5.05 -22.22
CA LEU A 534 -23.31 4.13 -22.83
C LEU A 534 -22.51 3.39 -21.74
N LYS A 535 -22.17 2.10 -22.01
CA LYS A 535 -21.38 1.28 -21.07
C LYS A 535 -19.91 1.71 -21.08
N LEU A 536 -19.53 2.42 -20.01
CA LEU A 536 -18.18 2.95 -19.79
C LEU A 536 -17.26 1.82 -19.33
N THR A 537 -16.17 1.61 -20.09
CA THR A 537 -15.17 0.54 -19.92
C THR A 537 -13.76 1.11 -19.64
N PRO A 538 -12.72 0.31 -19.29
CA PRO A 538 -11.38 0.91 -19.03
C PRO A 538 -10.67 1.44 -20.28
N ILE A 539 -9.77 2.43 -20.11
CA ILE A 539 -9.02 3.04 -21.21
C ILE A 539 -7.50 2.76 -21.06
N PHE A 551 1.16 9.05 -7.06
CA PHE A 551 1.17 9.98 -5.94
C PHE A 551 2.23 9.60 -4.91
N VAL A 552 3.18 10.52 -4.67
CA VAL A 552 4.29 10.33 -3.71
C VAL A 552 4.31 11.46 -2.66
N ALA A 553 4.33 12.74 -3.10
CA ALA A 553 4.40 13.90 -2.20
C ALA A 553 3.89 15.23 -2.83
N GLY A 554 3.69 16.22 -1.95
CA GLY A 554 3.26 17.58 -2.30
C GLY A 554 4.46 18.49 -2.32
N TYR A 555 4.55 19.37 -3.33
CA TYR A 555 5.69 20.28 -3.52
C TYR A 555 5.29 21.76 -3.62
N SER A 556 4.37 22.20 -2.73
CA SER A 556 3.86 23.58 -2.64
C SER A 556 4.97 24.55 -2.25
N GLY A 557 5.36 25.37 -3.23
CA GLY A 557 6.45 26.36 -3.13
C GLY A 557 7.79 25.79 -3.53
N GLY A 558 7.87 24.45 -3.57
CA GLY A 558 9.05 23.67 -3.87
C GLY A 558 9.69 23.81 -5.24
N ASP A 559 8.99 24.39 -6.24
CA ASP A 559 9.51 24.58 -7.60
C ASP A 559 9.83 23.20 -8.21
N ILE A 560 8.79 22.35 -8.42
CA ILE A 560 8.93 20.98 -8.97
C ILE A 560 8.03 20.75 -10.19
N TYR A 561 8.59 20.12 -11.24
CA TYR A 561 7.87 19.78 -12.47
C TYR A 561 8.03 18.30 -12.85
N HIS A 562 6.89 17.62 -13.10
CA HIS A 562 6.82 16.22 -13.52
C HIS A 562 6.30 16.10 -14.96
N HIS B 1 -11.29 -29.34 -23.05
CA HIS B 1 -10.91 -29.47 -21.63
C HIS B 1 -9.79 -28.51 -21.21
N MET B 2 -9.77 -27.30 -21.77
CA MET B 2 -8.73 -26.28 -21.48
C MET B 2 -8.80 -25.76 -20.06
N SER B 3 -7.65 -25.78 -19.35
CA SER B 3 -7.59 -25.23 -18.00
C SER B 3 -8.15 -23.79 -17.96
N TYR B 4 -7.88 -22.98 -19.01
CA TYR B 4 -8.34 -21.61 -19.13
C TYR B 4 -8.61 -21.24 -20.58
N THR B 5 -9.66 -20.45 -20.84
CA THR B 5 -9.93 -19.85 -22.14
C THR B 5 -9.85 -18.35 -21.92
N TRP B 6 -9.22 -17.61 -22.86
CA TRP B 6 -9.01 -16.17 -22.71
C TRP B 6 -9.67 -15.32 -23.79
N THR B 7 -9.92 -14.05 -23.47
CA THR B 7 -10.57 -13.11 -24.36
C THR B 7 -9.53 -12.20 -25.02
N GLY B 8 -8.55 -11.75 -24.25
CA GLY B 8 -7.52 -10.84 -24.70
C GLY B 8 -7.36 -9.66 -23.77
N ALA B 9 -8.32 -9.48 -22.83
CA ALA B 9 -8.28 -8.44 -21.81
C ALA B 9 -7.17 -8.79 -20.82
N LEU B 10 -6.33 -7.80 -20.52
CA LEU B 10 -5.20 -7.96 -19.63
C LEU B 10 -5.61 -8.05 -18.17
N ILE B 11 -4.79 -8.74 -17.37
CA ILE B 11 -4.94 -8.83 -15.92
C ILE B 11 -4.32 -7.50 -15.44
N THR B 12 -5.16 -6.63 -14.87
CA THR B 12 -4.78 -5.28 -14.42
C THR B 12 -4.57 -5.17 -12.89
N PRO B 13 -3.62 -4.33 -12.40
CA PRO B 13 -3.46 -4.21 -10.94
C PRO B 13 -4.47 -3.25 -10.30
N CYS B 14 -4.38 -3.05 -8.97
CA CYS B 14 -5.23 -2.12 -8.25
C CYS B 14 -4.47 -0.84 -7.99
N ALA B 15 -3.31 -0.95 -7.33
CA ALA B 15 -2.44 0.17 -6.99
C ALA B 15 -1.11 0.09 -7.75
N ALA B 16 -0.13 0.91 -7.29
CA ALA B 16 1.21 1.00 -7.85
C ALA B 16 1.91 -0.33 -7.65
N GLU B 17 2.74 -0.72 -8.60
CA GLU B 17 3.47 -1.96 -8.54
C GLU B 17 4.96 -1.67 -8.55
N GLU B 18 5.70 -2.32 -7.66
CA GLU B 18 7.16 -2.17 -7.55
C GLU B 18 7.87 -3.48 -7.89
N SER B 19 8.71 -3.47 -8.93
CA SER B 19 9.46 -4.67 -9.30
C SER B 19 10.86 -4.66 -8.66
N LYS B 20 11.52 -3.48 -8.62
CA LYS B 20 12.85 -3.28 -8.05
C LYS B 20 12.81 -3.18 -6.52
N LEU B 21 13.81 -3.80 -5.85
CA LEU B 21 13.96 -3.81 -4.39
C LEU B 21 14.09 -2.38 -3.79
N PRO B 22 13.11 -1.93 -2.96
CA PRO B 22 13.18 -0.59 -2.37
C PRO B 22 14.28 -0.54 -1.31
N ILE B 23 15.16 0.45 -1.45
CA ILE B 23 16.32 0.65 -0.58
C ILE B 23 16.06 1.76 0.45
N ASN B 24 16.43 1.48 1.71
CA ASN B 24 16.34 2.38 2.85
C ASN B 24 17.69 2.33 3.62
N ALA B 25 17.81 2.93 4.83
CA ALA B 25 19.07 2.93 5.59
C ALA B 25 19.49 1.52 6.10
N LEU B 26 18.49 0.68 6.45
CA LEU B 26 18.67 -0.66 7.01
C LEU B 26 18.97 -1.74 5.95
N SER B 27 18.77 -1.42 4.67
CA SER B 27 18.94 -2.33 3.53
C SER B 27 20.32 -2.97 3.46
N ASN B 28 21.39 -2.16 3.49
CA ASN B 28 22.78 -2.58 3.39
C ASN B 28 23.29 -3.41 4.56
N SER B 29 22.64 -3.33 5.74
CA SER B 29 23.05 -4.13 6.90
C SER B 29 22.61 -5.59 6.75
N LEU B 30 21.80 -5.87 5.70
CA LEU B 30 21.27 -7.18 5.37
C LEU B 30 21.71 -7.63 3.97
N LEU B 31 21.51 -6.80 2.96
CA LEU B 31 21.76 -7.20 1.59
C LEU B 31 22.52 -6.13 0.84
N ARG B 32 23.51 -6.55 0.03
CA ARG B 32 24.27 -5.61 -0.77
C ARG B 32 23.93 -5.74 -2.26
N HIS B 33 23.78 -6.99 -2.76
CA HIS B 33 23.44 -7.26 -4.17
C HIS B 33 21.95 -7.12 -4.39
N HIS B 34 21.49 -5.86 -4.40
CA HIS B 34 20.09 -5.43 -4.53
C HIS B 34 19.44 -5.81 -5.85
N ASN B 35 20.21 -5.85 -6.94
CA ASN B 35 19.76 -6.18 -8.30
C ASN B 35 19.32 -7.65 -8.41
N MET B 36 19.74 -8.49 -7.45
N MET B 36 19.73 -8.48 -7.46
CA MET B 36 19.40 -9.91 -7.37
CA MET B 36 19.39 -9.91 -7.41
C MET B 36 17.94 -10.10 -6.95
C MET B 36 17.94 -10.11 -6.95
N VAL B 37 17.44 -9.23 -6.06
CA VAL B 37 16.09 -9.27 -5.51
C VAL B 37 15.12 -8.47 -6.35
N TYR B 38 13.98 -9.09 -6.67
CA TYR B 38 12.89 -8.52 -7.46
C TYR B 38 11.55 -8.98 -6.92
N ALA B 39 10.48 -8.25 -7.28
CA ALA B 39 9.11 -8.60 -6.96
C ALA B 39 8.30 -8.72 -8.27
N THR B 40 7.37 -9.69 -8.33
CA THR B 40 6.57 -9.91 -9.53
C THR B 40 5.39 -8.91 -9.61
N THR B 41 5.08 -8.43 -10.84
CA THR B 41 4.01 -7.46 -11.17
C THR B 41 2.98 -8.05 -12.15
N SER B 42 2.01 -7.23 -12.60
CA SER B 42 1.00 -7.64 -13.59
C SER B 42 1.58 -7.68 -15.02
N ARG B 43 2.78 -7.09 -15.23
CA ARG B 43 3.51 -7.01 -16.50
C ARG B 43 3.95 -8.38 -17.01
N SER B 44 4.03 -9.38 -16.12
CA SER B 44 4.46 -10.73 -16.50
C SER B 44 3.30 -11.71 -16.58
N ALA B 45 2.04 -11.25 -16.28
CA ALA B 45 0.81 -12.06 -16.25
C ALA B 45 0.51 -12.90 -17.50
N GLY B 46 0.72 -12.33 -18.70
CA GLY B 46 0.50 -12.99 -19.99
C GLY B 46 1.42 -14.17 -20.23
N LEU B 47 2.61 -14.13 -19.59
CA LEU B 47 3.62 -15.18 -19.61
C LEU B 47 3.17 -16.32 -18.71
N ARG B 48 2.43 -16.00 -17.62
CA ARG B 48 1.86 -16.96 -16.70
C ARG B 48 0.66 -17.59 -17.38
N GLN B 49 -0.18 -16.75 -18.04
CA GLN B 49 -1.37 -17.11 -18.82
C GLN B 49 -1.05 -18.21 -19.84
N LYS B 50 0.05 -18.04 -20.58
CA LYS B 50 0.51 -19.03 -21.55
C LYS B 50 0.82 -20.38 -20.86
N LYS B 51 1.65 -20.34 -19.79
CA LYS B 51 2.08 -21.48 -18.97
C LYS B 51 0.93 -22.31 -18.33
N VAL B 52 -0.01 -21.64 -17.63
CA VAL B 52 -1.13 -22.27 -16.94
C VAL B 52 -2.18 -22.83 -17.89
N THR B 53 -2.20 -22.38 -19.18
CA THR B 53 -3.18 -22.79 -20.20
C THR B 53 -2.76 -24.02 -20.99
N PHE B 54 -3.45 -25.14 -20.75
CA PHE B 54 -3.23 -26.41 -21.44
C PHE B 54 -4.46 -27.29 -21.34
N ASP B 55 -4.57 -28.26 -22.26
CA ASP B 55 -5.68 -29.21 -22.33
C ASP B 55 -5.36 -30.37 -21.39
N ARG B 56 -6.36 -30.85 -20.61
CA ARG B 56 -6.16 -31.95 -19.66
C ARG B 56 -6.83 -33.24 -20.12
N LEU B 57 -6.06 -34.33 -20.16
CA LEU B 57 -6.57 -35.65 -20.56
C LEU B 57 -6.44 -36.62 -19.38
N GLN B 58 -7.59 -37.14 -18.92
CA GLN B 58 -7.71 -38.04 -17.76
C GLN B 58 -8.14 -39.47 -18.09
N VAL B 59 -7.46 -40.44 -17.45
CA VAL B 59 -7.71 -41.88 -17.62
C VAL B 59 -7.78 -42.49 -16.20
N LEU B 60 -9.02 -42.67 -15.69
CA LEU B 60 -9.27 -43.17 -14.35
C LEU B 60 -9.49 -44.69 -14.35
N ASP B 61 -8.62 -45.41 -13.60
CA ASP B 61 -8.62 -46.87 -13.50
C ASP B 61 -9.18 -47.35 -12.15
N ASP B 62 -9.22 -48.68 -11.94
CA ASP B 62 -9.75 -49.31 -10.73
C ASP B 62 -9.05 -48.89 -9.42
N HIS B 63 -7.70 -48.72 -9.43
CA HIS B 63 -6.95 -48.27 -8.24
C HIS B 63 -7.48 -46.95 -7.74
N TYR B 64 -7.79 -46.02 -8.68
CA TYR B 64 -8.33 -44.69 -8.45
C TYR B 64 -9.65 -44.77 -7.68
N ARG B 65 -10.64 -45.52 -8.22
CA ARG B 65 -11.96 -45.73 -7.61
C ARG B 65 -11.88 -46.53 -6.31
N ASP B 66 -10.87 -47.45 -6.20
CA ASP B 66 -10.60 -48.27 -5.02
C ASP B 66 -10.20 -47.35 -3.89
N VAL B 67 -9.17 -46.51 -4.11
CA VAL B 67 -8.70 -45.51 -3.14
C VAL B 67 -9.86 -44.55 -2.79
N LEU B 68 -10.58 -44.05 -3.82
CA LEU B 68 -11.71 -43.14 -3.65
C LEU B 68 -12.79 -43.74 -2.75
N LYS B 69 -13.13 -45.02 -2.95
CA LYS B 69 -14.14 -45.74 -2.16
C LYS B 69 -13.73 -45.77 -0.68
N GLU B 70 -12.41 -45.95 -0.41
CA GLU B 70 -11.84 -45.95 0.94
C GLU B 70 -11.95 -44.57 1.57
N MET B 71 -11.51 -43.53 0.85
CA MET B 71 -11.56 -42.13 1.28
C MET B 71 -12.99 -41.72 1.64
N LYS B 72 -13.98 -42.05 0.75
CA LYS B 72 -15.43 -41.82 0.95
C LYS B 72 -15.99 -42.58 2.18
N ALA B 73 -15.40 -43.76 2.51
CA ALA B 73 -15.80 -44.55 3.69
C ALA B 73 -15.36 -43.86 4.98
N LYS B 74 -14.17 -43.24 4.97
CA LYS B 74 -13.64 -42.51 6.12
C LYS B 74 -14.37 -41.16 6.24
N ALA B 75 -14.63 -40.48 5.10
CA ALA B 75 -15.35 -39.20 5.01
C ALA B 75 -16.77 -39.29 5.58
N SER B 76 -17.41 -40.45 5.48
CA SER B 76 -18.77 -40.65 5.98
C SER B 76 -18.85 -40.72 7.51
N THR B 77 -17.69 -40.79 8.21
CA THR B 77 -17.62 -40.80 9.69
C THR B 77 -17.42 -39.36 10.24
N VAL B 78 -17.24 -38.38 9.33
CA VAL B 78 -17.06 -36.98 9.67
C VAL B 78 -18.43 -36.32 9.88
N LYS B 79 -18.55 -35.47 10.92
CA LYS B 79 -19.75 -34.66 11.16
C LYS B 79 -19.27 -33.21 11.10
N ALA B 80 -19.96 -32.37 10.32
CA ALA B 80 -19.53 -30.98 10.18
C ALA B 80 -20.63 -29.98 10.53
N LYS B 81 -20.25 -28.90 11.21
CA LYS B 81 -21.17 -27.86 11.64
C LYS B 81 -21.20 -26.68 10.70
N LEU B 82 -22.40 -26.12 10.51
CA LEU B 82 -22.61 -24.93 9.71
C LEU B 82 -22.24 -23.76 10.60
N LEU B 83 -21.37 -22.90 10.12
CA LEU B 83 -20.97 -21.74 10.89
C LEU B 83 -22.04 -20.64 10.75
N SER B 84 -22.16 -19.78 11.77
CA SER B 84 -23.12 -18.67 11.72
C SER B 84 -22.45 -17.51 11.01
N VAL B 85 -23.26 -16.54 10.50
CA VAL B 85 -22.77 -15.36 9.80
C VAL B 85 -21.67 -14.73 10.67
N GLU B 86 -21.96 -14.52 11.96
CA GLU B 86 -21.06 -13.99 12.99
C GLU B 86 -19.76 -14.81 13.06
N GLU B 87 -19.88 -16.16 13.21
CA GLU B 87 -18.73 -17.07 13.29
C GLU B 87 -17.85 -16.96 12.04
N ALA B 88 -18.47 -16.97 10.86
CA ALA B 88 -17.79 -16.84 9.57
C ALA B 88 -17.12 -15.47 9.41
N CYS B 89 -17.80 -14.38 9.86
CA CYS B 89 -17.32 -12.99 9.84
C CYS B 89 -16.05 -12.79 10.68
N LYS B 90 -15.95 -13.52 11.80
CA LYS B 90 -14.83 -13.43 12.75
C LYS B 90 -13.58 -14.16 12.24
N LEU B 91 -13.74 -15.07 11.28
CA LEU B 91 -12.62 -15.80 10.69
C LEU B 91 -12.07 -15.08 9.45
N THR B 92 -12.60 -13.90 9.13
CA THR B 92 -12.17 -13.11 7.97
C THR B 92 -10.90 -12.29 8.25
N PRO B 93 -9.82 -12.46 7.42
CA PRO B 93 -8.59 -11.64 7.61
C PRO B 93 -8.89 -10.13 7.67
N PRO B 94 -8.18 -9.33 8.51
CA PRO B 94 -8.53 -7.90 8.60
C PRO B 94 -8.21 -7.09 7.35
N HIS B 95 -7.20 -7.54 6.59
CA HIS B 95 -6.75 -6.86 5.38
C HIS B 95 -7.11 -7.69 4.12
N SER B 96 -8.27 -8.38 4.20
CA SER B 96 -8.84 -9.21 3.15
C SER B 96 -9.47 -8.26 2.12
N ALA B 97 -9.49 -8.68 0.83
CA ALA B 97 -10.04 -7.91 -0.30
C ALA B 97 -11.48 -7.45 -0.05
N LYS B 98 -11.72 -6.14 -0.21
CA LYS B 98 -13.02 -5.49 -0.05
C LYS B 98 -14.05 -6.01 -1.07
N SER B 99 -15.32 -6.07 -0.67
CA SER B 99 -16.42 -6.49 -1.52
C SER B 99 -16.76 -5.39 -2.56
N LYS B 100 -17.20 -5.81 -3.75
CA LYS B 100 -17.63 -4.93 -4.85
C LYS B 100 -18.93 -4.23 -4.48
N PHE B 101 -19.60 -4.71 -3.41
CA PHE B 101 -20.90 -4.28 -2.90
C PHE B 101 -20.78 -3.26 -1.75
N GLY B 102 -19.72 -2.47 -1.83
CA GLY B 102 -19.42 -1.36 -0.93
C GLY B 102 -19.25 -1.65 0.54
N TYR B 103 -18.25 -2.49 0.87
CA TYR B 103 -17.85 -2.84 2.25
C TYR B 103 -16.59 -3.68 2.20
N GLY B 104 -15.92 -3.83 3.34
CA GLY B 104 -14.67 -4.57 3.45
C GLY B 104 -14.58 -5.53 4.62
N ALA B 105 -13.37 -6.10 4.78
CA ALA B 105 -13.02 -7.06 5.84
C ALA B 105 -13.27 -6.53 7.24
N LYS B 106 -12.98 -5.23 7.49
CA LYS B 106 -13.23 -4.54 8.75
C LYS B 106 -14.75 -4.47 9.02
N ASP B 107 -15.53 -4.04 8.01
CA ASP B 107 -17.01 -3.98 8.02
C ASP B 107 -17.59 -5.37 8.33
N VAL B 108 -16.98 -6.44 7.77
CA VAL B 108 -17.34 -7.87 7.99
C VAL B 108 -17.06 -8.23 9.47
N ARG B 109 -15.79 -8.11 9.90
CA ARG B 109 -15.31 -8.41 11.26
C ARG B 109 -16.15 -7.71 12.36
N ASN B 110 -16.67 -6.49 12.09
CA ASN B 110 -17.48 -5.71 13.02
C ASN B 110 -18.97 -6.09 12.99
N LEU B 111 -19.33 -7.04 12.13
CA LEU B 111 -20.69 -7.57 11.94
C LEU B 111 -21.67 -6.47 11.45
N SER B 112 -21.13 -5.46 10.73
CA SER B 112 -21.87 -4.32 10.19
C SER B 112 -23.05 -4.76 9.37
N SER B 113 -24.22 -4.15 9.61
CA SER B 113 -25.50 -4.46 8.96
C SER B 113 -25.39 -4.57 7.45
N LYS B 114 -24.73 -3.60 6.78
CA LYS B 114 -24.54 -3.62 5.32
C LYS B 114 -23.96 -4.96 4.86
N ALA B 115 -22.85 -5.38 5.52
CA ALA B 115 -22.12 -6.62 5.25
C ALA B 115 -22.95 -7.85 5.55
N VAL B 116 -23.47 -7.97 6.80
CA VAL B 116 -24.31 -9.09 7.26
C VAL B 116 -25.57 -9.26 6.38
N ASN B 117 -26.18 -8.14 5.94
CA ASN B 117 -27.36 -8.14 5.05
C ASN B 117 -26.98 -8.65 3.67
N HIS B 118 -25.78 -8.26 3.19
CA HIS B 118 -25.27 -8.75 1.90
C HIS B 118 -24.94 -10.24 1.96
N ILE B 119 -24.23 -10.69 3.03
CA ILE B 119 -23.86 -12.09 3.27
C ILE B 119 -25.11 -12.99 3.30
N HIS B 120 -26.19 -12.49 3.92
CA HIS B 120 -27.47 -13.17 4.00
C HIS B 120 -28.14 -13.32 2.63
N SER B 121 -27.98 -12.33 1.71
CA SER B 121 -28.55 -12.41 0.37
C SER B 121 -27.76 -13.39 -0.55
N VAL B 122 -26.41 -13.46 -0.38
CA VAL B 122 -25.53 -14.36 -1.15
C VAL B 122 -25.85 -15.81 -0.77
N TRP B 123 -25.99 -16.08 0.55
CA TRP B 123 -26.35 -17.39 1.11
C TRP B 123 -27.70 -17.88 0.53
N LYS B 124 -28.72 -16.99 0.51
CA LYS B 124 -30.07 -17.25 -0.03
C LYS B 124 -29.94 -17.61 -1.49
N ASP B 125 -29.13 -16.85 -2.23
CA ASP B 125 -28.84 -17.07 -3.65
C ASP B 125 -28.20 -18.46 -3.86
N LEU B 126 -27.20 -18.81 -3.02
CA LEU B 126 -26.57 -20.13 -3.13
C LEU B 126 -27.63 -21.25 -2.94
N LEU B 127 -28.52 -21.10 -1.93
CA LEU B 127 -29.57 -22.06 -1.63
C LEU B 127 -30.65 -22.18 -2.70
N GLU B 128 -30.90 -21.10 -3.45
CA GLU B 128 -31.93 -21.07 -4.49
C GLU B 128 -31.40 -21.07 -5.93
N ASP B 129 -30.07 -21.14 -6.13
CA ASP B 129 -29.46 -21.12 -7.46
C ASP B 129 -28.22 -22.03 -7.48
N THR B 130 -28.24 -23.10 -8.31
CA THR B 130 -27.11 -24.04 -8.40
C THR B 130 -26.50 -24.14 -9.83
N VAL B 131 -26.86 -23.21 -10.74
N VAL B 131 -26.85 -23.20 -10.75
CA VAL B 131 -26.43 -23.21 -12.14
CA VAL B 131 -26.38 -23.23 -12.15
C VAL B 131 -25.59 -21.97 -12.53
C VAL B 131 -25.62 -21.96 -12.59
N THR B 132 -25.97 -20.76 -12.07
CA THR B 132 -25.31 -19.50 -12.44
C THR B 132 -23.86 -19.39 -12.03
N PRO B 133 -22.87 -19.34 -12.98
CA PRO B 133 -21.45 -19.19 -12.55
C PRO B 133 -21.21 -17.92 -11.74
N ILE B 134 -20.51 -18.07 -10.60
CA ILE B 134 -20.17 -16.99 -9.69
C ILE B 134 -18.96 -16.24 -10.26
N ASP B 135 -19.07 -14.90 -10.32
CA ASP B 135 -17.99 -14.04 -10.81
C ASP B 135 -16.79 -14.09 -9.85
N THR B 136 -15.59 -14.18 -10.45
CA THR B 136 -14.32 -14.21 -9.72
C THR B 136 -13.41 -13.08 -10.22
N THR B 137 -12.35 -12.78 -9.47
CA THR B 137 -11.40 -11.76 -9.86
C THR B 137 -10.04 -12.38 -10.14
N ILE B 138 -9.49 -12.11 -11.33
CA ILE B 138 -8.15 -12.59 -11.70
C ILE B 138 -7.15 -11.47 -11.43
N MET B 139 -6.09 -11.79 -10.66
CA MET B 139 -5.06 -10.84 -10.25
C MET B 139 -3.68 -11.45 -10.21
N ALA B 140 -2.67 -10.66 -10.59
CA ALA B 140 -1.29 -11.09 -10.52
C ALA B 140 -0.81 -10.82 -9.09
N LYS B 141 -0.19 -11.84 -8.47
CA LYS B 141 0.35 -11.75 -7.12
C LYS B 141 1.60 -10.91 -7.16
N ASN B 142 1.89 -10.18 -6.06
CA ASN B 142 3.12 -9.42 -5.94
C ASN B 142 3.97 -10.15 -4.91
N GLU B 143 4.83 -11.09 -5.40
CA GLU B 143 5.71 -11.91 -4.57
C GLU B 143 7.17 -11.61 -4.84
N VAL B 144 8.00 -11.70 -3.79
CA VAL B 144 9.43 -11.40 -3.84
C VAL B 144 10.29 -12.68 -4.03
N PHE B 145 11.22 -12.61 -5.00
CA PHE B 145 12.19 -13.69 -5.29
C PHE B 145 13.61 -13.13 -5.58
N CYS B 146 14.60 -14.04 -5.60
CA CYS B 146 15.98 -13.79 -5.99
C CYS B 146 16.08 -14.23 -7.47
N VAL B 147 17.05 -13.72 -8.25
CA VAL B 147 17.12 -14.13 -9.66
C VAL B 147 17.74 -15.54 -9.80
N GLN B 148 17.14 -16.35 -10.72
CA GLN B 148 17.48 -17.74 -11.07
C GLN B 148 17.49 -18.65 -9.85
N ARG B 154 14.17 -14.79 -13.65
CA ARG B 154 12.96 -14.04 -13.26
C ARG B 154 11.67 -14.78 -13.59
N LYS B 155 10.94 -15.23 -12.55
CA LYS B 155 9.66 -15.94 -12.63
C LYS B 155 8.49 -15.02 -13.06
N PRO B 156 7.54 -15.48 -13.93
CA PRO B 156 6.35 -14.63 -14.21
C PRO B 156 5.41 -14.68 -12.99
N ALA B 157 4.62 -13.62 -12.80
CA ALA B 157 3.67 -13.50 -11.67
C ALA B 157 2.75 -14.70 -11.52
N ARG B 158 2.49 -15.09 -10.28
CA ARG B 158 1.53 -16.17 -9.99
C ARG B 158 0.14 -15.54 -10.02
N LEU B 159 -0.88 -16.31 -10.36
CA LEU B 159 -2.24 -15.78 -10.45
C LEU B 159 -3.10 -16.13 -9.22
N ILE B 160 -3.97 -15.18 -8.81
CA ILE B 160 -4.92 -15.34 -7.71
C ILE B 160 -6.33 -15.11 -8.27
N VAL B 161 -7.18 -16.14 -8.13
CA VAL B 161 -8.57 -16.13 -8.61
C VAL B 161 -9.44 -16.27 -7.36
N PHE B 162 -10.23 -15.22 -7.06
CA PHE B 162 -11.07 -15.21 -5.87
C PHE B 162 -12.48 -14.69 -6.09
N PRO B 163 -13.50 -15.26 -5.39
CA PRO B 163 -14.85 -14.69 -5.50
C PRO B 163 -14.96 -13.48 -4.56
N ASP B 164 -16.10 -12.75 -4.61
CA ASP B 164 -16.37 -11.60 -3.76
C ASP B 164 -16.35 -11.96 -2.29
N LEU B 165 -15.91 -11.03 -1.44
CA LEU B 165 -15.84 -11.18 0.01
C LEU B 165 -17.12 -11.77 0.62
N GLY B 166 -18.28 -11.34 0.09
CA GLY B 166 -19.58 -11.83 0.53
C GLY B 166 -19.75 -13.32 0.36
N VAL B 167 -19.28 -13.86 -0.82
CA VAL B 167 -19.30 -15.28 -1.19
C VAL B 167 -18.34 -16.04 -0.28
N ARG B 168 -17.20 -15.39 0.05
CA ARG B 168 -16.14 -15.95 0.88
C ARG B 168 -16.60 -16.23 2.32
N VAL B 169 -17.48 -15.37 2.87
CA VAL B 169 -18.03 -15.55 4.22
C VAL B 169 -19.04 -16.75 4.16
N CYS B 170 -19.68 -16.93 2.98
CA CYS B 170 -20.61 -18.04 2.75
C CYS B 170 -19.89 -19.36 2.66
N GLU B 171 -18.69 -19.37 2.03
CA GLU B 171 -17.82 -20.55 1.90
C GLU B 171 -17.46 -20.99 3.33
N LYS B 172 -17.12 -20.03 4.22
CA LYS B 172 -16.80 -20.29 5.64
C LYS B 172 -17.98 -20.96 6.33
N MET B 173 -19.20 -20.45 6.09
N MET B 173 -19.21 -20.44 6.09
CA MET B 173 -20.41 -21.02 6.69
CA MET B 173 -20.44 -21.00 6.68
C MET B 173 -20.61 -22.48 6.29
C MET B 173 -20.62 -22.47 6.29
N ALA B 174 -20.53 -22.78 4.98
CA ALA B 174 -20.72 -24.12 4.43
C ALA B 174 -19.58 -25.11 4.65
N LEU B 175 -18.32 -24.63 4.53
CA LEU B 175 -17.16 -25.51 4.50
C LEU B 175 -16.03 -25.27 5.52
N TYR B 176 -16.10 -24.22 6.37
CA TYR B 176 -15.00 -24.03 7.32
C TYR B 176 -14.76 -25.26 8.19
N ASP B 177 -15.81 -25.79 8.87
CA ASP B 177 -15.69 -26.99 9.72
C ASP B 177 -15.29 -28.24 8.93
N VAL B 178 -15.66 -28.30 7.62
CA VAL B 178 -15.31 -29.41 6.72
C VAL B 178 -13.80 -29.45 6.45
N VAL B 179 -13.25 -28.38 5.82
CA VAL B 179 -11.82 -28.26 5.47
C VAL B 179 -10.92 -28.41 6.72
N SER B 180 -11.52 -28.18 7.89
CA SER B 180 -10.84 -28.28 9.18
C SER B 180 -10.78 -29.71 9.73
N THR B 181 -11.88 -30.49 9.60
N THR B 181 -11.88 -30.48 9.61
CA THR B 181 -12.00 -31.84 10.15
CA THR B 181 -12.00 -31.84 10.15
C THR B 181 -11.79 -32.99 9.16
C THR B 181 -11.75 -32.98 9.15
N LEU B 182 -12.29 -32.87 7.92
CA LEU B 182 -12.21 -33.91 6.89
C LEU B 182 -10.79 -34.38 6.47
N PRO B 183 -9.78 -33.52 6.16
CA PRO B 183 -8.49 -34.05 5.70
C PRO B 183 -7.81 -35.02 6.67
N GLN B 184 -7.93 -34.76 7.99
CA GLN B 184 -7.35 -35.58 9.05
C GLN B 184 -8.03 -36.95 9.13
N VAL B 185 -9.37 -37.01 8.99
CA VAL B 185 -10.10 -38.29 9.06
C VAL B 185 -9.76 -39.20 7.85
N VAL B 186 -9.93 -38.66 6.65
CA VAL B 186 -9.70 -39.36 5.38
C VAL B 186 -8.28 -39.87 5.19
N MET B 187 -7.27 -39.03 5.56
CA MET B 187 -5.87 -39.30 5.33
C MET B 187 -5.04 -39.66 6.55
N GLY B 188 -5.57 -39.44 7.76
CA GLY B 188 -4.90 -39.77 8.99
C GLY B 188 -3.55 -39.10 9.14
N SER B 189 -2.53 -39.90 9.44
CA SER B 189 -1.17 -39.44 9.64
C SER B 189 -0.55 -38.85 8.37
N SER B 190 -1.11 -39.16 7.18
CA SER B 190 -0.63 -38.65 5.88
C SER B 190 -0.92 -37.16 5.73
N TYR B 191 -1.95 -36.66 6.44
CA TYR B 191 -2.27 -35.24 6.43
C TYR B 191 -1.22 -34.44 7.20
N GLY B 192 -0.48 -33.62 6.47
CA GLY B 192 0.64 -32.85 6.99
C GLY B 192 0.35 -31.53 7.65
N PHE B 193 -0.76 -30.86 7.25
CA PHE B 193 -1.14 -29.56 7.79
C PHE B 193 -1.62 -29.60 9.24
N GLN B 194 -1.72 -30.81 9.81
CA GLN B 194 -2.10 -31.09 11.19
C GLN B 194 -0.88 -31.08 12.14
N TYR B 195 0.33 -31.20 11.57
CA TYR B 195 1.57 -31.27 12.32
C TYR B 195 2.28 -29.95 12.42
N SER B 196 2.88 -29.69 13.58
CA SER B 196 3.75 -28.54 13.80
C SER B 196 5.08 -28.86 13.04
N PRO B 197 6.06 -27.94 12.84
CA PRO B 197 7.31 -28.36 12.17
C PRO B 197 7.98 -29.49 12.96
N GLY B 198 7.94 -29.36 14.30
CA GLY B 198 8.47 -30.31 15.25
C GLY B 198 7.82 -31.66 15.17
N GLN B 199 6.48 -31.69 15.04
CA GLN B 199 5.72 -32.95 14.94
C GLN B 199 5.88 -33.60 13.55
N ARG B 200 6.20 -32.79 12.51
CA ARG B 200 6.40 -33.23 11.14
C ARG B 200 7.73 -33.98 11.04
N VAL B 201 8.80 -33.37 11.58
CA VAL B 201 10.13 -33.98 11.61
C VAL B 201 10.12 -35.27 12.47
N GLU B 202 9.33 -35.30 13.57
CA GLU B 202 9.15 -36.47 14.41
C GLU B 202 8.49 -37.57 13.55
N PHE B 203 7.44 -37.19 12.77
CA PHE B 203 6.71 -38.11 11.91
C PHE B 203 7.61 -38.79 10.87
N LEU B 204 8.32 -37.97 10.04
CA LEU B 204 9.24 -38.38 8.98
C LEU B 204 10.33 -39.32 9.47
N VAL B 205 10.95 -38.97 10.62
CA VAL B 205 12.02 -39.75 11.27
C VAL B 205 11.47 -41.12 11.70
N ASN B 206 10.32 -41.13 12.38
CA ASN B 206 9.69 -42.38 12.82
C ASN B 206 9.29 -43.26 11.64
N THR B 207 8.91 -42.63 10.50
CA THR B 207 8.54 -43.29 9.24
C THR B 207 9.78 -43.94 8.61
N TRP B 208 10.86 -43.17 8.48
CA TRP B 208 12.13 -43.62 7.88
C TRP B 208 12.69 -44.80 8.71
N LYS B 209 12.62 -44.69 10.05
CA LYS B 209 13.07 -45.70 11.01
C LYS B 209 12.19 -46.97 10.97
N SER B 210 10.90 -46.82 10.54
CA SER B 210 9.94 -47.93 10.46
C SER B 210 10.18 -48.86 9.28
N LYS B 211 10.93 -48.39 8.26
CA LYS B 211 11.23 -49.18 7.07
C LYS B 211 12.53 -49.94 7.27
N LYS B 212 12.59 -51.20 6.77
CA LYS B 212 13.78 -52.07 6.83
C LYS B 212 14.87 -51.43 5.96
N ASN B 213 14.59 -51.28 4.66
CA ASN B 213 15.49 -50.59 3.74
C ASN B 213 14.71 -49.38 3.21
N PRO B 214 14.81 -48.21 3.89
CA PRO B 214 14.01 -47.05 3.47
C PRO B 214 14.38 -46.44 2.14
N MET B 215 13.35 -45.88 1.49
CA MET B 215 13.41 -45.18 0.22
C MET B 215 12.36 -44.10 0.32
N GLY B 216 12.73 -42.91 -0.13
CA GLY B 216 11.84 -41.76 -0.12
C GLY B 216 11.98 -40.94 -1.37
N PHE B 217 10.90 -40.25 -1.75
CA PHE B 217 10.87 -39.36 -2.90
C PHE B 217 9.83 -38.29 -2.66
N SER B 218 9.89 -37.22 -3.43
CA SER B 218 8.93 -36.13 -3.37
C SER B 218 8.33 -35.98 -4.76
N TYR B 219 7.11 -35.44 -4.85
CA TYR B 219 6.45 -35.22 -6.13
C TYR B 219 6.10 -33.77 -6.24
N ASP B 220 6.57 -33.16 -7.31
CA ASP B 220 6.34 -31.76 -7.66
C ASP B 220 5.49 -31.77 -8.92
N THR B 221 4.28 -31.22 -8.84
CA THR B 221 3.39 -31.13 -9.99
C THR B 221 3.58 -29.77 -10.61
N ARG B 222 3.73 -29.79 -11.96
CA ARG B 222 3.83 -28.63 -12.83
C ARG B 222 2.41 -27.98 -12.76
N CYS B 223 2.32 -26.77 -12.14
N CYS B 223 2.32 -26.78 -12.15
CA CYS B 223 1.12 -25.98 -11.91
CA CYS B 223 1.08 -25.99 -11.98
C CYS B 223 -0.09 -26.85 -11.57
C CYS B 223 -0.11 -26.87 -11.58
N PHE B 224 -0.10 -27.40 -10.35
CA PHE B 224 -1.14 -28.33 -9.81
C PHE B 224 -2.57 -27.87 -9.97
N ASP B 225 -2.84 -26.59 -9.66
CA ASP B 225 -4.17 -25.97 -9.78
C ASP B 225 -4.68 -26.10 -11.19
N SER B 226 -3.82 -25.84 -12.18
CA SER B 226 -4.16 -25.95 -13.60
C SER B 226 -4.41 -27.39 -14.09
N THR B 227 -3.94 -28.42 -13.36
CA THR B 227 -4.12 -29.85 -13.68
C THR B 227 -5.47 -30.37 -13.15
N VAL B 228 -6.04 -29.65 -12.16
CA VAL B 228 -7.29 -30.02 -11.52
C VAL B 228 -8.42 -29.83 -12.56
N THR B 229 -9.14 -30.92 -12.85
CA THR B 229 -10.20 -31.01 -13.85
C THR B 229 -11.57 -30.98 -13.17
N GLU B 230 -12.66 -30.78 -13.97
CA GLU B 230 -14.05 -30.80 -13.47
C GLU B 230 -14.28 -32.07 -12.66
N ASN B 231 -13.80 -33.22 -13.17
CA ASN B 231 -13.92 -34.50 -12.50
C ASN B 231 -13.42 -34.42 -11.07
N ASP B 232 -12.15 -33.95 -10.89
CA ASP B 232 -11.49 -33.78 -9.60
C ASP B 232 -12.29 -32.92 -8.63
N ILE B 233 -12.90 -31.83 -9.11
CA ILE B 233 -13.68 -30.92 -8.27
C ILE B 233 -15.04 -31.56 -7.86
N ARG B 234 -15.66 -32.36 -8.75
CA ARG B 234 -16.92 -33.08 -8.49
C ARG B 234 -16.64 -34.24 -7.53
N VAL B 235 -15.49 -34.91 -7.68
CA VAL B 235 -15.03 -35.98 -6.83
C VAL B 235 -14.91 -35.44 -5.40
N GLU B 236 -14.24 -34.27 -5.23
CA GLU B 236 -14.07 -33.55 -3.97
C GLU B 236 -15.42 -33.29 -3.31
N GLU B 237 -16.40 -32.77 -4.09
CA GLU B 237 -17.76 -32.48 -3.63
C GLU B 237 -18.40 -33.73 -3.10
N SER B 238 -18.33 -34.84 -3.87
CA SER B 238 -18.87 -36.14 -3.47
C SER B 238 -18.24 -36.61 -2.15
N ILE B 239 -16.93 -36.30 -1.92
CA ILE B 239 -16.23 -36.63 -0.68
C ILE B 239 -16.86 -35.80 0.46
N TYR B 240 -16.95 -34.47 0.28
CA TYR B 240 -17.55 -33.54 1.26
C TYR B 240 -18.97 -34.03 1.61
N GLN B 241 -19.74 -34.40 0.57
CA GLN B 241 -21.13 -34.88 0.67
C GLN B 241 -21.29 -36.17 1.47
N CYS B 242 -20.19 -36.90 1.75
CA CYS B 242 -20.26 -38.10 2.59
C CYS B 242 -20.47 -37.74 4.05
N CYS B 243 -20.01 -36.54 4.49
CA CYS B 243 -20.12 -36.03 5.86
C CYS B 243 -21.56 -35.95 6.32
N ASP B 244 -21.77 -35.95 7.65
CA ASP B 244 -23.06 -35.70 8.27
C ASP B 244 -23.10 -34.16 8.21
N LEU B 245 -23.96 -33.63 7.33
CA LEU B 245 -24.10 -32.21 7.07
C LEU B 245 -25.53 -31.73 7.21
N ALA B 246 -25.69 -30.44 7.49
CA ALA B 246 -26.99 -29.80 7.56
C ALA B 246 -27.53 -29.74 6.11
N PRO B 247 -28.84 -29.93 5.86
CA PRO B 247 -29.33 -29.86 4.45
C PRO B 247 -29.00 -28.57 3.72
N GLU B 248 -28.99 -27.46 4.45
CA GLU B 248 -28.64 -26.11 4.02
C GLU B 248 -27.15 -26.14 3.52
N ALA B 249 -26.23 -26.76 4.32
CA ALA B 249 -24.81 -26.95 4.02
C ALA B 249 -24.59 -27.78 2.76
N ARG B 250 -25.26 -28.95 2.61
CA ARG B 250 -25.17 -29.82 1.41
C ARG B 250 -25.47 -29.00 0.18
N GLN B 251 -26.63 -28.31 0.18
CA GLN B 251 -27.10 -27.46 -0.89
C GLN B 251 -26.08 -26.38 -1.21
N ALA B 252 -25.56 -25.69 -0.17
CA ALA B 252 -24.54 -24.66 -0.32
C ALA B 252 -23.26 -25.23 -0.95
N ILE B 253 -22.85 -26.46 -0.55
CA ILE B 253 -21.66 -27.13 -1.09
C ILE B 253 -21.87 -27.42 -2.58
N LYS B 254 -23.05 -27.96 -2.94
CA LYS B 254 -23.44 -28.28 -4.32
C LYS B 254 -23.41 -27.05 -5.22
N SER B 255 -23.95 -25.90 -4.70
CA SER B 255 -24.00 -24.60 -5.36
C SER B 255 -22.60 -24.01 -5.52
N LEU B 256 -21.82 -23.99 -4.43
CA LEU B 256 -20.45 -23.47 -4.50
C LEU B 256 -19.60 -24.31 -5.44
N THR B 257 -19.82 -25.64 -5.49
CA THR B 257 -19.06 -26.49 -6.40
C THR B 257 -19.41 -26.19 -7.87
N GLU B 258 -20.70 -26.34 -8.24
CA GLU B 258 -21.23 -26.13 -9.57
C GLU B 258 -20.95 -24.75 -10.12
N ARG B 259 -21.26 -23.73 -9.32
CA ARG B 259 -21.15 -22.32 -9.71
C ARG B 259 -19.77 -21.70 -9.55
N LEU B 260 -19.03 -22.06 -8.49
CA LEU B 260 -17.73 -21.46 -8.26
C LEU B 260 -16.53 -22.40 -8.43
N TYR B 261 -16.47 -23.51 -7.69
CA TYR B 261 -15.30 -24.41 -7.64
C TYR B 261 -14.97 -25.12 -8.95
N ILE B 262 -15.96 -25.55 -9.75
CA ILE B 262 -15.68 -26.23 -11.03
C ILE B 262 -14.99 -25.28 -12.04
N GLY B 263 -15.49 -24.06 -12.09
CA GLY B 263 -15.02 -23.01 -12.98
C GLY B 263 -15.95 -21.81 -12.95
N GLY B 264 -15.61 -20.82 -13.76
CA GLY B 264 -16.39 -19.60 -13.86
C GLY B 264 -15.64 -18.51 -14.59
N PRO B 265 -16.32 -17.37 -14.90
CA PRO B 265 -15.67 -16.31 -15.66
C PRO B 265 -14.65 -15.56 -14.83
N LEU B 266 -13.60 -15.06 -15.49
CA LEU B 266 -12.49 -14.34 -14.88
C LEU B 266 -12.57 -12.87 -15.19
N THR B 267 -12.64 -12.03 -14.15
CA THR B 267 -12.75 -10.57 -14.28
C THR B 267 -11.50 -9.85 -13.73
N ASN B 268 -10.98 -8.85 -14.48
CA ASN B 268 -9.84 -8.07 -13.99
C ASN B 268 -10.31 -7.00 -13.00
N SER B 269 -9.36 -6.29 -12.35
CA SER B 269 -9.70 -5.22 -11.39
C SER B 269 -10.51 -4.10 -12.06
N LYS B 270 -10.25 -3.84 -13.36
CA LYS B 270 -10.91 -2.80 -14.15
C LYS B 270 -12.33 -3.20 -14.68
N GLY B 271 -12.83 -4.39 -14.29
CA GLY B 271 -14.17 -4.86 -14.61
C GLY B 271 -14.43 -5.54 -15.94
N GLN B 272 -13.38 -5.91 -16.68
CA GLN B 272 -13.51 -6.57 -17.99
C GLN B 272 -13.54 -8.08 -17.86
N ASN B 273 -13.94 -8.79 -18.92
CA ASN B 273 -13.87 -10.24 -18.90
C ASN B 273 -12.52 -10.64 -19.51
N CYS B 274 -11.69 -11.37 -18.75
CA CYS B 274 -10.38 -11.84 -19.19
C CYS B 274 -10.52 -13.20 -19.84
N GLY B 275 -11.51 -13.96 -19.39
CA GLY B 275 -11.78 -15.29 -19.91
C GLY B 275 -12.61 -16.14 -18.98
N TYR B 276 -12.38 -17.45 -19.08
CA TYR B 276 -13.09 -18.49 -18.33
C TYR B 276 -12.12 -19.53 -17.79
N ARG B 277 -12.26 -19.82 -16.48
CA ARG B 277 -11.50 -20.81 -15.71
C ARG B 277 -12.30 -22.14 -15.74
N ARG B 278 -11.60 -23.27 -15.90
CA ARG B 278 -12.20 -24.62 -15.89
C ARG B 278 -11.41 -25.58 -14.94
N CYS B 279 -10.56 -24.98 -14.08
CA CYS B 279 -9.70 -25.67 -13.13
C CYS B 279 -9.86 -25.06 -11.73
N ARG B 280 -8.95 -25.39 -10.79
CA ARG B 280 -8.94 -24.88 -9.41
C ARG B 280 -8.71 -23.35 -9.32
N ALA B 281 -9.53 -22.67 -8.49
CA ALA B 281 -9.37 -21.24 -8.19
C ALA B 281 -8.37 -21.17 -7.06
N SER B 282 -7.32 -20.37 -7.22
CA SER B 282 -6.26 -20.22 -6.21
C SER B 282 -6.71 -19.55 -4.88
N GLY B 283 -7.73 -18.70 -4.96
CA GLY B 283 -8.28 -17.98 -3.82
C GLY B 283 -9.66 -18.38 -3.32
N VAL B 284 -9.92 -19.71 -3.19
CA VAL B 284 -11.16 -20.25 -2.59
C VAL B 284 -10.86 -21.01 -1.29
N LEU B 285 -11.85 -21.10 -0.37
CA LEU B 285 -11.73 -21.79 0.92
C LEU B 285 -11.23 -23.22 0.81
N THR B 286 -11.76 -23.96 -0.18
CA THR B 286 -11.44 -25.37 -0.45
C THR B 286 -10.16 -25.59 -1.30
N THR B 287 -9.34 -24.54 -1.60
CA THR B 287 -8.10 -24.70 -2.39
C THR B 287 -7.12 -25.66 -1.71
N SER B 288 -6.82 -25.44 -0.42
CA SER B 288 -5.90 -26.28 0.34
C SER B 288 -6.41 -27.69 0.47
N CYS B 289 -7.62 -27.85 1.06
CA CYS B 289 -8.31 -29.12 1.31
C CYS B 289 -8.51 -29.93 0.02
N GLY B 290 -9.11 -29.30 -0.99
CA GLY B 290 -9.34 -29.89 -2.31
C GLY B 290 -8.04 -30.42 -2.91
N ASN B 291 -7.00 -29.58 -2.93
CA ASN B 291 -5.69 -29.96 -3.46
C ASN B 291 -5.09 -31.14 -2.71
N THR B 292 -5.22 -31.19 -1.36
CA THR B 292 -4.69 -32.26 -0.50
C THR B 292 -5.41 -33.57 -0.80
N LEU B 293 -6.76 -33.51 -0.90
CA LEU B 293 -7.55 -34.69 -1.22
C LEU B 293 -7.20 -35.22 -2.62
N THR B 294 -7.22 -34.33 -3.65
CA THR B 294 -6.94 -34.72 -5.03
C THR B 294 -5.47 -35.23 -5.19
N CYS B 295 -4.50 -34.66 -4.44
CA CYS B 295 -3.13 -35.13 -4.54
C CYS B 295 -2.98 -36.51 -3.92
N TYR B 296 -3.49 -36.68 -2.69
CA TYR B 296 -3.50 -37.97 -1.97
C TYR B 296 -4.26 -39.05 -2.76
N LEU B 297 -5.43 -38.72 -3.35
CA LEU B 297 -6.21 -39.65 -4.15
C LEU B 297 -5.41 -40.15 -5.38
N LYS B 298 -4.73 -39.25 -6.09
CA LYS B 298 -3.95 -39.62 -7.25
C LYS B 298 -2.67 -40.39 -6.90
N ALA B 299 -1.97 -39.95 -5.83
CA ALA B 299 -0.71 -40.56 -5.38
C ALA B 299 -0.86 -41.93 -4.74
N SER B 300 -1.93 -42.14 -3.93
CA SER B 300 -2.24 -43.43 -3.30
C SER B 300 -2.53 -44.47 -4.40
N ALA B 301 -3.34 -44.06 -5.41
CA ALA B 301 -3.71 -44.87 -6.58
C ALA B 301 -2.47 -45.18 -7.44
N ALA B 302 -1.57 -44.19 -7.61
CA ALA B 302 -0.32 -44.30 -8.35
C ALA B 302 0.71 -45.14 -7.58
N CYS B 303 0.61 -45.21 -6.22
CA CYS B 303 1.49 -46.02 -5.37
C CYS B 303 1.19 -47.47 -5.68
N ARG B 304 -0.11 -47.82 -5.77
CA ARG B 304 -0.64 -49.15 -6.06
C ARG B 304 -0.32 -49.56 -7.48
N ALA B 305 -0.44 -48.62 -8.43
CA ALA B 305 -0.12 -48.82 -9.83
C ALA B 305 1.36 -49.20 -10.01
N ALA B 306 2.26 -48.57 -9.21
CA ALA B 306 3.70 -48.77 -9.21
C ALA B 306 4.17 -49.99 -8.43
N LYS B 307 3.28 -50.60 -7.60
CA LYS B 307 3.54 -51.75 -6.72
C LYS B 307 4.59 -51.39 -5.63
N LEU B 308 4.54 -50.15 -5.17
CA LEU B 308 5.39 -49.57 -4.14
C LEU B 308 5.01 -50.22 -2.81
N GLN B 309 5.98 -50.88 -2.15
CA GLN B 309 5.75 -51.60 -0.88
C GLN B 309 5.83 -50.70 0.35
N ASP B 310 4.75 -50.73 1.17
CA ASP B 310 4.59 -49.98 2.42
C ASP B 310 4.69 -48.46 2.23
N CYS B 311 3.89 -47.92 1.27
CA CYS B 311 3.78 -46.50 0.95
C CYS B 311 3.28 -45.74 2.18
N THR B 312 4.13 -44.83 2.70
CA THR B 312 3.73 -43.91 3.77
C THR B 312 3.78 -42.52 3.16
N MET B 313 2.60 -41.90 3.03
CA MET B 313 2.48 -40.58 2.41
C MET B 313 2.50 -39.45 3.43
N LEU B 314 2.77 -38.22 2.95
CA LEU B 314 2.75 -36.96 3.70
C LEU B 314 2.34 -35.84 2.73
N VAL B 315 1.02 -35.61 2.59
CA VAL B 315 0.44 -34.67 1.64
C VAL B 315 0.04 -33.33 2.28
N ASN B 316 0.46 -32.24 1.66
CA ASN B 316 0.16 -30.88 2.10
C ASN B 316 -0.23 -30.18 0.83
N GLY B 317 -1.52 -30.09 0.58
CA GLY B 317 -2.04 -29.51 -0.65
C GLY B 317 -1.49 -30.26 -1.84
N ASP B 318 -0.76 -29.54 -2.69
CA ASP B 318 -0.16 -30.08 -3.90
C ASP B 318 1.20 -30.74 -3.66
N ASP B 319 1.75 -30.58 -2.45
CA ASP B 319 3.05 -31.11 -2.04
C ASP B 319 2.93 -32.50 -1.44
N LEU B 320 3.67 -33.49 -2.02
CA LEU B 320 3.70 -34.89 -1.61
C LEU B 320 5.10 -35.41 -1.30
N VAL B 321 5.19 -36.29 -0.27
CA VAL B 321 6.39 -37.03 0.12
C VAL B 321 5.92 -38.44 0.45
N VAL B 322 6.51 -39.45 -0.19
CA VAL B 322 6.25 -40.87 0.05
C VAL B 322 7.53 -41.53 0.58
N ILE B 323 7.39 -42.36 1.61
CA ILE B 323 8.48 -43.15 2.19
C ILE B 323 7.98 -44.59 2.13
N CYS B 324 8.69 -45.43 1.41
CA CYS B 324 8.34 -46.82 1.17
C CYS B 324 9.59 -47.73 1.29
N GLU B 325 9.37 -49.06 1.24
CA GLU B 325 10.44 -50.04 1.27
C GLU B 325 11.16 -50.06 -0.09
N SER B 326 12.50 -50.02 -0.05
CA SER B 326 13.40 -50.03 -1.20
C SER B 326 13.49 -51.45 -1.77
N ALA B 327 13.72 -51.57 -3.08
CA ALA B 327 13.90 -52.84 -3.80
C ALA B 327 15.12 -52.73 -4.73
N GLY B 328 16.09 -51.94 -4.30
CA GLY B 328 17.31 -51.66 -5.05
C GLY B 328 17.08 -50.46 -5.96
N THR B 329 18.13 -49.66 -6.19
CA THR B 329 18.08 -48.45 -7.01
C THR B 329 17.39 -48.59 -8.38
N GLN B 330 17.49 -49.76 -9.06
CA GLN B 330 16.92 -49.97 -10.41
C GLN B 330 15.41 -50.27 -10.39
N GLU B 331 14.96 -51.13 -9.46
CA GLU B 331 13.53 -51.43 -9.30
C GLU B 331 12.81 -50.18 -8.74
N ASP B 332 13.47 -49.42 -7.86
CA ASP B 332 12.95 -48.19 -7.31
C ASP B 332 12.80 -47.14 -8.41
N ALA B 333 13.79 -47.05 -9.32
CA ALA B 333 13.75 -46.11 -10.43
C ALA B 333 12.65 -46.51 -11.40
N ALA B 334 12.41 -47.82 -11.53
CA ALA B 334 11.37 -48.41 -12.37
C ALA B 334 9.99 -48.02 -11.85
N SER B 335 9.74 -48.31 -10.54
CA SER B 335 8.54 -47.98 -9.80
C SER B 335 8.13 -46.52 -9.94
N LEU B 336 9.11 -45.59 -9.81
CA LEU B 336 8.88 -44.15 -9.93
C LEU B 336 8.47 -43.75 -11.33
N ARG B 337 8.98 -44.45 -12.38
CA ARG B 337 8.56 -44.16 -13.77
C ARG B 337 7.11 -44.52 -13.91
N VAL B 338 6.72 -45.69 -13.36
CA VAL B 338 5.35 -46.22 -13.36
C VAL B 338 4.46 -45.24 -12.59
N PHE B 339 4.96 -44.73 -11.46
CA PHE B 339 4.25 -43.75 -10.62
C PHE B 339 3.99 -42.44 -11.40
N THR B 340 5.03 -41.91 -12.07
CA THR B 340 4.98 -40.70 -12.89
C THR B 340 4.02 -40.91 -14.09
N GLU B 341 3.96 -42.15 -14.64
CA GLU B 341 3.08 -42.52 -15.74
C GLU B 341 1.63 -42.45 -15.25
N ALA B 342 1.36 -43.08 -14.09
CA ALA B 342 0.06 -43.10 -13.45
C ALA B 342 -0.43 -41.69 -13.12
N MET B 343 0.44 -40.86 -12.47
CA MET B 343 0.14 -39.48 -12.09
C MET B 343 -0.27 -38.62 -13.29
N THR B 344 0.45 -38.77 -14.42
CA THR B 344 0.22 -38.09 -15.69
C THR B 344 -1.13 -38.52 -16.29
N ARG B 345 -1.49 -39.83 -16.15
CA ARG B 345 -2.78 -40.37 -16.63
C ARG B 345 -3.93 -39.77 -15.84
N TYR B 346 -3.70 -39.53 -14.54
CA TYR B 346 -4.66 -38.95 -13.62
C TYR B 346 -4.76 -37.44 -13.77
N SER B 347 -3.98 -36.83 -14.69
CA SER B 347 -3.93 -35.38 -14.96
C SER B 347 -3.26 -34.66 -13.81
N ALA B 348 -2.03 -35.10 -13.48
CA ALA B 348 -1.13 -34.55 -12.46
C ALA B 348 0.32 -34.87 -12.89
N PRO B 349 0.79 -34.39 -14.09
CA PRO B 349 2.18 -34.69 -14.50
C PRO B 349 3.20 -33.90 -13.69
N PRO B 350 4.47 -34.33 -13.58
CA PRO B 350 5.41 -33.57 -12.73
C PRO B 350 6.16 -32.46 -13.45
N GLY B 351 6.71 -31.55 -12.66
CA GLY B 351 7.57 -30.50 -13.17
C GLY B 351 8.89 -31.18 -13.47
N ASP B 352 9.54 -31.67 -12.39
CA ASP B 352 10.77 -32.45 -12.43
C ASP B 352 10.43 -33.86 -11.92
N PRO B 353 10.69 -34.93 -12.70
CA PRO B 353 10.29 -36.28 -12.26
C PRO B 353 10.99 -36.74 -10.99
N PRO B 354 10.29 -37.51 -10.10
CA PRO B 354 10.90 -37.91 -8.82
C PRO B 354 12.10 -38.84 -8.92
N GLN B 355 13.05 -38.66 -8.00
CA GLN B 355 14.27 -39.47 -7.89
C GLN B 355 14.30 -40.18 -6.54
N PRO B 356 14.66 -41.49 -6.50
CA PRO B 356 14.74 -42.19 -5.21
C PRO B 356 15.88 -41.69 -4.34
N GLU B 357 15.55 -41.41 -3.09
CA GLU B 357 16.49 -40.89 -2.09
C GLU B 357 16.61 -41.92 -0.99
N TYR B 358 17.85 -42.16 -0.56
CA TYR B 358 18.20 -43.18 0.43
C TYR B 358 18.70 -42.55 1.72
N ASP B 359 18.53 -41.23 1.82
CA ASP B 359 18.88 -40.41 2.96
C ASP B 359 17.76 -39.39 3.14
N LEU B 360 17.12 -39.40 4.32
CA LEU B 360 16.01 -38.53 4.71
C LEU B 360 16.33 -37.06 4.43
N GLU B 361 17.54 -36.62 4.83
CA GLU B 361 18.06 -35.26 4.66
C GLU B 361 18.17 -34.83 3.20
N LEU B 362 17.96 -35.75 2.24
CA LEU B 362 18.05 -35.45 0.80
C LEU B 362 16.69 -35.25 0.11
N ILE B 363 15.57 -35.65 0.76
CA ILE B 363 14.22 -35.45 0.24
C ILE B 363 13.78 -33.98 0.49
N THR B 364 13.36 -33.28 -0.58
CA THR B 364 12.93 -31.87 -0.49
C THR B 364 11.45 -31.71 -0.84
N SER B 365 10.65 -31.42 0.18
CA SER B 365 9.22 -31.16 0.09
C SER B 365 8.89 -29.88 0.85
N CYS B 366 7.87 -29.14 0.38
CA CYS B 366 7.42 -27.86 0.95
C CYS B 366 8.60 -26.89 1.00
N SER B 367 9.50 -27.01 -0.01
CA SER B 367 10.72 -26.23 -0.24
C SER B 367 11.77 -26.39 0.90
N SER B 368 11.48 -27.33 1.84
CA SER B 368 12.28 -27.67 3.01
C SER B 368 12.85 -29.09 2.96
N ASN B 369 13.67 -29.43 3.98
CA ASN B 369 14.31 -30.73 4.16
C ASN B 369 14.75 -30.91 5.63
N VAL B 370 14.93 -32.18 6.04
CA VAL B 370 15.41 -32.55 7.37
C VAL B 370 16.93 -32.28 7.43
N SER B 371 17.42 -31.91 8.61
CA SER B 371 18.84 -31.68 8.86
C SER B 371 19.10 -31.99 10.33
N VAL B 372 20.38 -32.17 10.68
CA VAL B 372 20.74 -32.52 12.04
C VAL B 372 21.73 -31.48 12.60
N ALA B 373 21.61 -31.25 13.92
CA ALA B 373 22.43 -30.41 14.77
C ALA B 373 22.44 -31.09 16.14
N HIS B 374 22.95 -30.42 17.19
CA HIS B 374 23.00 -31.01 18.53
C HIS B 374 22.43 -30.10 19.59
N ASP B 375 21.78 -30.67 20.63
CA ASP B 375 21.19 -29.89 21.73
C ASP B 375 22.27 -29.51 22.77
N ALA B 376 21.86 -29.09 23.99
CA ALA B 376 22.77 -28.72 25.07
C ALA B 376 23.57 -29.97 25.53
N SER B 377 22.89 -31.12 25.65
CA SER B 377 23.49 -32.40 26.06
C SER B 377 24.37 -33.06 24.98
N GLY B 378 24.36 -32.51 23.76
CA GLY B 378 25.14 -33.02 22.64
C GLY B 378 24.44 -34.06 21.80
N LYS B 379 23.18 -34.41 22.16
CA LYS B 379 22.29 -35.36 21.50
C LYS B 379 21.95 -34.91 20.07
N ARG B 380 22.11 -35.80 19.08
CA ARG B 380 21.79 -35.53 17.67
C ARG B 380 20.28 -35.26 17.56
N VAL B 381 19.93 -34.05 17.10
CA VAL B 381 18.54 -33.58 16.95
C VAL B 381 18.19 -33.26 15.47
N TYR B 382 17.10 -33.89 14.96
CA TYR B 382 16.58 -33.64 13.63
C TYR B 382 15.60 -32.47 13.69
N TYR B 383 15.71 -31.56 12.71
CA TYR B 383 14.87 -30.36 12.59
C TYR B 383 14.65 -30.08 11.11
N LEU B 384 13.70 -29.20 10.78
CA LEU B 384 13.41 -28.77 9.41
C LEU B 384 14.03 -27.42 9.06
N THR B 385 14.71 -27.40 7.92
CA THR B 385 15.38 -26.22 7.38
C THR B 385 15.00 -26.06 5.92
N ARG B 386 15.54 -25.05 5.25
CA ARG B 386 15.31 -24.82 3.83
C ARG B 386 16.40 -23.90 3.29
N ASP B 387 16.41 -23.67 1.97
CA ASP B 387 17.36 -22.74 1.37
C ASP B 387 16.97 -21.33 1.84
N PRO B 388 17.91 -20.57 2.44
CA PRO B 388 17.51 -19.24 2.95
C PRO B 388 17.35 -18.16 1.88
N THR B 389 17.65 -18.45 0.60
CA THR B 389 17.57 -17.49 -0.51
C THR B 389 16.27 -16.71 -0.53
N THR B 390 15.12 -17.41 -0.76
CA THR B 390 13.81 -16.75 -0.83
C THR B 390 13.47 -16.05 0.50
N PRO B 391 13.52 -16.71 1.70
CA PRO B 391 13.24 -15.97 2.94
C PRO B 391 14.08 -14.71 3.11
N LEU B 392 15.40 -14.76 2.78
CA LEU B 392 16.28 -13.61 2.93
C LEU B 392 15.99 -12.48 1.92
N ALA B 393 15.58 -12.83 0.71
CA ALA B 393 15.20 -11.87 -0.33
C ALA B 393 13.93 -11.10 0.09
N ARG B 394 12.95 -11.79 0.71
CA ARG B 394 11.70 -11.21 1.18
C ARG B 394 11.93 -10.37 2.42
N ALA B 395 12.89 -10.81 3.27
CA ALA B 395 13.31 -10.11 4.48
C ALA B 395 13.84 -8.75 4.10
N ALA B 396 14.59 -8.69 2.95
CA ALA B 396 15.14 -7.47 2.36
C ALA B 396 14.00 -6.54 1.92
N TRP B 397 12.90 -7.09 1.36
CA TRP B 397 11.75 -6.28 0.95
C TRP B 397 11.06 -5.69 2.19
N GLU B 398 10.95 -6.49 3.26
CA GLU B 398 10.30 -6.11 4.52
C GLU B 398 11.19 -5.23 5.42
N THR B 399 12.39 -4.86 4.93
CA THR B 399 13.31 -3.98 5.65
C THR B 399 12.97 -2.51 5.29
N ALA B 400 12.45 -2.29 4.06
CA ALA B 400 12.12 -0.98 3.54
C ALA B 400 10.64 -0.76 3.24
N ARG B 401 9.84 -1.85 3.21
CA ARG B 401 8.39 -1.79 2.93
C ARG B 401 7.58 -2.60 3.91
N HIS B 402 6.48 -2.01 4.40
CA HIS B 402 5.54 -2.69 5.30
C HIS B 402 4.55 -3.49 4.45
N THR B 403 4.53 -4.82 4.64
CA THR B 403 3.65 -5.74 3.92
C THR B 403 2.52 -6.23 4.84
N PRO B 404 1.37 -6.71 4.30
CA PRO B 404 0.32 -7.20 5.22
C PRO B 404 0.68 -8.54 5.84
N VAL B 405 1.63 -9.27 5.20
CA VAL B 405 2.17 -10.56 5.61
C VAL B 405 3.65 -10.42 5.95
N ASN B 406 4.01 -10.59 7.21
CA ASN B 406 5.42 -10.45 7.57
C ASN B 406 6.09 -11.81 7.46
N SER B 407 6.68 -12.07 6.27
CA SER B 407 7.36 -13.34 5.94
C SER B 407 8.48 -13.63 6.91
N TRP B 408 9.28 -12.59 7.31
CA TRP B 408 10.36 -12.71 8.27
C TRP B 408 9.84 -13.21 9.62
N LEU B 409 8.56 -12.91 9.95
CA LEU B 409 7.98 -13.34 11.23
C LEU B 409 7.56 -14.80 11.15
N GLY B 410 6.99 -15.20 10.02
CA GLY B 410 6.60 -16.58 9.78
C GLY B 410 7.81 -17.49 9.65
N ASN B 411 8.89 -16.98 9.02
CA ASN B 411 10.13 -17.71 8.83
C ASN B 411 10.85 -17.94 10.15
N ILE B 412 10.79 -16.96 11.09
CA ILE B 412 11.33 -17.05 12.45
C ILE B 412 10.55 -18.14 13.20
N ILE B 413 9.22 -18.17 13.04
CA ILE B 413 8.32 -19.12 13.69
C ILE B 413 8.53 -20.56 13.16
N MET B 414 8.40 -20.75 11.87
CA MET B 414 8.46 -22.07 11.24
C MET B 414 9.86 -22.66 11.16
N TYR B 415 10.90 -21.78 11.13
CA TYR B 415 12.30 -22.20 11.03
C TYR B 415 13.16 -21.72 12.18
N ALA B 416 12.55 -21.61 13.37
CA ALA B 416 13.24 -21.19 14.59
C ALA B 416 14.51 -21.99 14.93
N PRO B 417 14.61 -23.34 14.77
CA PRO B 417 15.87 -24.01 15.16
C PRO B 417 16.98 -23.97 14.11
N THR B 418 16.75 -23.29 12.98
CA THR B 418 17.74 -23.21 11.91
C THR B 418 18.81 -22.19 12.24
N LEU B 419 19.98 -22.38 11.64
CA LEU B 419 21.15 -21.53 11.76
C LEU B 419 20.80 -20.10 11.28
N TRP B 420 20.29 -19.98 10.03
CA TRP B 420 19.93 -18.73 9.34
C TRP B 420 18.81 -17.88 9.99
N ALA B 421 17.69 -18.53 10.43
CA ALA B 421 16.57 -17.79 11.03
C ALA B 421 16.95 -17.20 12.36
N ARG B 422 17.81 -17.91 13.09
CA ARG B 422 18.29 -17.51 14.41
C ARG B 422 19.33 -16.43 14.30
N MET B 423 20.34 -16.65 13.43
CA MET B 423 21.47 -15.73 13.31
C MET B 423 21.15 -14.46 12.57
N ILE B 424 20.50 -14.56 11.40
CA ILE B 424 20.21 -13.39 10.57
C ILE B 424 18.85 -12.79 10.85
N LEU B 425 17.79 -13.57 10.66
CA LEU B 425 16.43 -13.05 10.73
C LEU B 425 16.05 -12.48 12.09
N MET B 426 16.23 -13.27 13.18
CA MET B 426 15.92 -12.84 14.55
C MET B 426 16.68 -11.60 14.92
N THR B 427 18.01 -11.58 14.66
CA THR B 427 18.92 -10.47 14.95
C THR B 427 18.50 -9.19 14.25
N HIS B 428 18.44 -9.21 12.90
CA HIS B 428 18.08 -8.09 12.06
C HIS B 428 16.77 -7.43 12.47
N PHE B 429 15.71 -8.22 12.51
CA PHE B 429 14.39 -7.70 12.78
C PHE B 429 14.21 -7.28 14.23
N PHE B 430 14.87 -7.94 15.20
CA PHE B 430 14.72 -7.47 16.57
C PHE B 430 15.46 -6.13 16.79
N SER B 431 16.58 -5.90 16.09
CA SER B 431 17.26 -4.61 16.19
C SER B 431 16.37 -3.50 15.63
N ILE B 432 15.63 -3.79 14.53
CA ILE B 432 14.67 -2.88 13.90
C ILE B 432 13.53 -2.58 14.91
N LEU B 433 12.92 -3.64 15.49
CA LEU B 433 11.84 -3.53 16.49
C LEU B 433 12.27 -2.77 17.74
N LEU B 434 13.56 -2.91 18.15
CA LEU B 434 14.09 -2.18 19.30
C LEU B 434 14.18 -0.69 18.97
N ALA B 435 14.82 -0.36 17.80
CA ALA B 435 15.06 0.99 17.26
C ALA B 435 13.79 1.80 17.07
N GLN B 436 12.70 1.14 16.66
CA GLN B 436 11.39 1.75 16.41
C GLN B 436 10.46 1.64 17.61
N GLU B 437 10.83 0.80 18.60
CA GLU B 437 10.07 0.48 19.82
C GLU B 437 8.68 -0.09 19.45
N GLN B 438 8.64 -0.87 18.34
CA GLN B 438 7.47 -1.54 17.79
C GLN B 438 7.42 -3.01 18.24
N LEU B 439 8.13 -3.32 19.36
CA LEU B 439 8.20 -4.66 19.94
C LEU B 439 6.85 -5.14 20.48
N GLU B 440 6.14 -4.25 21.20
CA GLU B 440 4.85 -4.56 21.81
C GLU B 440 3.72 -4.55 20.78
N LYS B 441 3.95 -3.93 19.60
CA LYS B 441 2.99 -3.87 18.48
C LYS B 441 2.85 -5.24 17.82
N ALA B 442 1.62 -5.79 17.79
CA ALA B 442 1.33 -7.08 17.18
C ALA B 442 1.42 -6.97 15.68
N LEU B 443 1.97 -8.01 15.04
CA LEU B 443 2.15 -8.03 13.59
C LEU B 443 1.39 -9.16 12.90
N ASP B 444 0.86 -8.87 11.71
CA ASP B 444 0.10 -9.83 10.92
C ASP B 444 1.03 -10.65 10.02
N CYS B 445 1.07 -11.97 10.22
CA CYS B 445 1.86 -12.86 9.38
C CYS B 445 1.03 -14.04 8.86
N GLN B 446 1.65 -14.95 8.10
CA GLN B 446 0.96 -16.12 7.54
C GLN B 446 1.65 -17.43 7.82
N ILE B 447 0.89 -18.41 8.31
CA ILE B 447 1.37 -19.74 8.64
C ILE B 447 0.40 -20.75 8.02
N TYR B 448 0.94 -21.71 7.20
CA TYR B 448 0.18 -22.74 6.47
C TYR B 448 -0.93 -22.13 5.57
N GLY B 449 -0.73 -20.86 5.17
CA GLY B 449 -1.68 -20.09 4.36
C GLY B 449 -2.72 -19.35 5.16
N ALA B 450 -2.75 -19.56 6.51
CA ALA B 450 -3.67 -18.92 7.47
C ALA B 450 -3.06 -17.64 8.06
N CYS B 451 -3.87 -16.58 8.19
N CYS B 451 -3.87 -16.57 8.18
CA CYS B 451 -3.42 -15.30 8.73
CA CYS B 451 -3.39 -15.30 8.73
C CYS B 451 -3.41 -15.27 10.27
C CYS B 451 -3.38 -15.31 10.27
N TYR B 452 -2.30 -14.79 10.85
CA TYR B 452 -2.12 -14.71 12.30
C TYR B 452 -1.65 -13.35 12.74
N SER B 453 -2.11 -12.91 13.91
CA SER B 453 -1.61 -11.68 14.50
C SER B 453 -0.75 -12.16 15.68
N ILE B 454 0.57 -11.92 15.59
CA ILE B 454 1.52 -12.36 16.61
C ILE B 454 2.21 -11.18 17.27
N GLU B 455 2.30 -11.23 18.61
CA GLU B 455 3.02 -10.23 19.38
C GLU B 455 4.50 -10.69 19.36
N PRO B 456 5.42 -9.92 18.72
CA PRO B 456 6.83 -10.36 18.62
C PRO B 456 7.53 -10.74 19.92
N LEU B 457 7.05 -10.22 21.06
CA LEU B 457 7.62 -10.52 22.37
C LEU B 457 7.24 -11.91 22.88
N ASP B 458 6.16 -12.50 22.31
CA ASP B 458 5.68 -13.84 22.64
C ASP B 458 6.40 -14.95 21.86
N LEU B 459 7.36 -14.57 21.01
CA LEU B 459 8.13 -15.50 20.19
C LEU B 459 8.79 -16.64 20.98
N PRO B 460 9.45 -16.46 22.17
CA PRO B 460 10.01 -17.63 22.86
C PRO B 460 8.97 -18.65 23.29
N GLN B 461 7.75 -18.17 23.65
CA GLN B 461 6.61 -19.02 24.05
C GLN B 461 6.15 -19.85 22.85
N ILE B 462 5.87 -19.15 21.70
CA ILE B 462 5.45 -19.73 20.41
C ILE B 462 6.47 -20.76 19.89
N ILE B 463 7.76 -20.42 19.94
CA ILE B 463 8.83 -21.30 19.44
C ILE B 463 8.91 -22.58 20.25
N GLU B 464 8.85 -22.46 21.59
CA GLU B 464 8.89 -23.61 22.50
C GLU B 464 7.73 -24.53 22.14
N ARG B 465 6.53 -23.98 21.91
CA ARG B 465 5.33 -24.74 21.57
C ARG B 465 5.36 -25.43 20.17
N LEU B 466 6.32 -25.10 19.27
CA LEU B 466 6.39 -25.72 17.92
C LEU B 466 7.66 -26.54 17.69
N HIS B 467 8.69 -26.33 18.53
CA HIS B 467 10.00 -26.99 18.37
C HIS B 467 10.60 -27.54 19.67
N GLY B 468 10.22 -26.96 20.81
CA GLY B 468 10.76 -27.29 22.12
C GLY B 468 11.82 -26.28 22.53
N LEU B 469 12.39 -26.45 23.75
CA LEU B 469 13.45 -25.56 24.25
C LEU B 469 14.79 -25.85 23.56
N SER B 470 14.88 -26.98 22.83
CA SER B 470 16.06 -27.41 22.06
C SER B 470 16.40 -26.41 20.96
N ALA B 471 15.38 -25.75 20.38
CA ALA B 471 15.51 -24.76 19.30
C ALA B 471 16.40 -23.60 19.74
N PHE B 472 16.36 -23.27 21.04
CA PHE B 472 17.13 -22.19 21.64
C PHE B 472 18.54 -22.64 22.01
N SER B 473 18.81 -23.98 21.99
CA SER B 473 20.08 -24.60 22.39
C SER B 473 20.83 -25.33 21.27
N LEU B 474 20.30 -25.32 20.04
CA LEU B 474 20.93 -26.01 18.91
C LEU B 474 22.29 -25.46 18.57
N HIS B 475 23.21 -26.34 18.19
CA HIS B 475 24.58 -26.03 17.77
C HIS B 475 25.15 -27.16 16.85
N SER B 476 26.39 -27.01 16.37
CA SER B 476 27.11 -27.97 15.53
C SER B 476 26.24 -28.48 14.37
N TYR B 477 25.87 -27.55 13.50
CA TYR B 477 25.03 -27.76 12.32
C TYR B 477 25.78 -28.57 11.24
N SER B 478 25.06 -29.34 10.41
CA SER B 478 25.72 -30.14 9.38
C SER B 478 26.51 -29.26 8.39
N PRO B 479 27.74 -29.64 7.98
CA PRO B 479 28.51 -28.79 7.05
C PRO B 479 27.80 -28.51 5.73
N GLY B 480 26.91 -29.42 5.32
CA GLY B 480 26.11 -29.25 4.11
C GLY B 480 25.16 -28.08 4.26
N GLU B 481 24.56 -27.96 5.47
CA GLU B 481 23.66 -26.87 5.83
C GLU B 481 24.45 -25.57 5.94
N ILE B 482 25.52 -25.57 6.75
CA ILE B 482 26.40 -24.42 6.92
C ILE B 482 26.82 -23.82 5.56
N ASN B 483 27.24 -24.69 4.61
CA ASN B 483 27.70 -24.29 3.28
C ASN B 483 26.58 -23.74 2.39
N ARG B 484 25.34 -24.25 2.51
CA ARG B 484 24.19 -23.73 1.74
C ARG B 484 23.94 -22.28 2.18
N VAL B 485 23.91 -22.05 3.50
CA VAL B 485 23.72 -20.72 4.10
C VAL B 485 24.86 -19.78 3.66
N ALA B 486 26.12 -20.18 3.90
CA ALA B 486 27.32 -19.42 3.54
C ALA B 486 27.31 -18.99 2.09
N SER B 487 27.09 -19.92 1.15
CA SER B 487 27.00 -19.68 -0.29
C SER B 487 25.91 -18.65 -0.62
N CYS B 488 24.71 -18.79 0.01
CA CYS B 488 23.55 -17.92 -0.14
C CYS B 488 23.89 -16.49 0.30
N LEU B 489 24.57 -16.36 1.46
CA LEU B 489 25.05 -15.10 2.02
C LEU B 489 26.00 -14.42 1.05
N ARG B 490 26.76 -15.22 0.30
CA ARG B 490 27.65 -14.65 -0.70
C ARG B 490 26.84 -14.19 -1.89
N LYS B 491 25.94 -15.05 -2.39
CA LYS B 491 25.08 -14.79 -3.54
C LYS B 491 24.37 -13.44 -3.43
N LEU B 492 23.59 -13.24 -2.35
CA LEU B 492 22.83 -12.02 -2.07
C LEU B 492 23.67 -10.84 -1.54
N GLY B 493 24.81 -11.12 -0.95
CA GLY B 493 25.70 -10.10 -0.39
C GLY B 493 25.33 -9.76 1.02
N VAL B 494 24.94 -10.79 1.78
CA VAL B 494 24.53 -10.70 3.17
C VAL B 494 25.82 -10.73 4.02
N PRO B 495 25.96 -9.85 5.04
CA PRO B 495 27.17 -9.91 5.89
C PRO B 495 27.39 -11.32 6.45
N PRO B 496 28.65 -11.80 6.59
CA PRO B 496 28.86 -13.19 7.08
C PRO B 496 28.35 -13.41 8.50
N LEU B 497 28.09 -14.69 8.85
CA LEU B 497 27.59 -15.17 10.14
C LEU B 497 28.35 -14.59 11.34
N ARG B 498 29.68 -14.41 11.23
CA ARG B 498 30.46 -13.81 12.32
C ARG B 498 29.99 -12.37 12.62
N VAL B 499 29.58 -11.63 11.56
CA VAL B 499 29.03 -10.27 11.66
C VAL B 499 27.69 -10.32 12.45
N TRP B 500 26.85 -11.32 12.13
CA TRP B 500 25.55 -11.52 12.76
C TRP B 500 25.66 -11.94 14.22
N ARG B 501 26.68 -12.73 14.59
CA ARG B 501 26.94 -13.14 15.99
C ARG B 501 27.32 -11.89 16.81
N HIS B 502 28.12 -10.99 16.21
CA HIS B 502 28.55 -9.75 16.84
C HIS B 502 27.34 -8.82 17.04
N ARG B 503 26.47 -8.76 16.02
CA ARG B 503 25.24 -7.97 16.03
C ARG B 503 24.22 -8.53 17.04
N ALA B 504 24.12 -9.88 17.18
CA ALA B 504 23.20 -10.53 18.11
C ALA B 504 23.55 -10.28 19.59
N ARG B 505 24.85 -10.10 19.89
CA ARG B 505 25.36 -9.79 21.23
C ARG B 505 24.77 -8.42 21.64
N SER B 506 24.79 -7.44 20.71
CA SER B 506 24.24 -6.10 20.87
C SER B 506 22.73 -6.16 21.05
N VAL B 507 22.02 -6.87 20.14
CA VAL B 507 20.56 -7.03 20.21
C VAL B 507 20.17 -7.60 21.59
N ARG B 508 20.86 -8.69 22.00
CA ARG B 508 20.71 -9.35 23.28
C ARG B 508 20.99 -8.43 24.45
N ALA B 509 22.05 -7.60 24.37
CA ALA B 509 22.37 -6.67 25.45
C ALA B 509 21.29 -5.59 25.58
N ARG B 510 20.79 -5.07 24.43
CA ARG B 510 19.73 -4.07 24.33
C ARG B 510 18.41 -4.63 24.88
N LEU B 511 18.12 -5.92 24.61
CA LEU B 511 16.90 -6.62 25.03
C LEU B 511 16.86 -6.87 26.52
N LEU B 512 18.00 -7.20 27.14
CA LEU B 512 18.02 -7.43 28.60
C LEU B 512 17.70 -6.14 29.34
N SER B 513 18.32 -5.01 28.91
CA SER B 513 18.17 -3.65 29.44
C SER B 513 16.71 -3.19 29.48
N GLN B 514 15.89 -3.61 28.49
CA GLN B 514 14.44 -3.26 28.39
C GLN B 514 13.59 -3.98 29.46
N GLY B 515 14.05 -5.14 29.91
CA GLY B 515 13.38 -5.98 30.91
C GLY B 515 12.08 -6.60 30.40
N GLY B 516 11.47 -7.42 31.25
CA GLY B 516 10.20 -8.09 30.95
C GLY B 516 10.32 -9.17 29.89
N ARG B 517 9.40 -9.14 28.91
CA ARG B 517 9.36 -10.11 27.80
C ARG B 517 10.56 -9.90 26.88
N ALA B 518 11.05 -8.62 26.77
CA ALA B 518 12.24 -8.26 26.00
C ALA B 518 13.45 -8.99 26.54
N ALA B 519 13.62 -9.04 27.88
CA ALA B 519 14.70 -9.77 28.53
C ALA B 519 14.55 -11.27 28.30
N THR B 520 13.30 -11.77 28.22
CA THR B 520 13.01 -13.19 27.94
C THR B 520 13.44 -13.52 26.50
N CYS B 521 13.10 -12.63 25.53
CA CYS B 521 13.51 -12.73 24.12
C CYS B 521 15.05 -12.75 24.04
N GLY B 522 15.71 -11.81 24.75
CA GLY B 522 17.16 -11.72 24.81
C GLY B 522 17.79 -12.96 25.40
N LYS B 523 17.16 -13.53 26.44
CA LYS B 523 17.63 -14.74 27.11
C LYS B 523 17.58 -16.01 26.24
N TYR B 524 16.46 -16.26 25.51
CA TYR B 524 16.29 -17.47 24.70
C TYR B 524 16.73 -17.35 23.24
N LEU B 525 16.26 -16.30 22.54
CA LEU B 525 16.51 -16.11 21.11
C LEU B 525 17.94 -15.77 20.78
N PHE B 526 18.72 -15.23 21.73
CA PHE B 526 20.10 -14.84 21.44
C PHE B 526 21.16 -15.42 22.39
N ASN B 527 20.78 -16.41 23.23
CA ASN B 527 21.72 -17.09 24.15
C ASN B 527 22.88 -17.72 23.40
N TRP B 528 22.65 -18.11 22.14
CA TRP B 528 23.65 -18.68 21.26
C TRP B 528 24.82 -17.74 21.01
N ALA B 529 24.57 -16.40 21.05
CA ALA B 529 25.54 -15.34 20.77
C ALA B 529 26.63 -15.14 21.81
N VAL B 530 26.35 -15.45 23.08
CA VAL B 530 27.30 -15.31 24.19
C VAL B 530 28.05 -16.61 24.51
N LYS B 531 29.28 -16.51 25.08
CA LYS B 531 30.10 -17.67 25.48
C LYS B 531 29.49 -18.32 26.74
N THR B 532 29.32 -17.52 27.81
CA THR B 532 28.75 -17.96 29.09
C THR B 532 27.21 -17.89 28.99
N LYS B 533 26.60 -19.05 28.69
CA LYS B 533 25.15 -19.18 28.52
C LYS B 533 24.36 -19.11 29.83
N LEU B 534 23.02 -19.10 29.72
CA LEU B 534 22.03 -19.01 30.80
C LEU B 534 21.16 -20.26 30.87
N LYS B 535 20.67 -20.62 32.09
CA LYS B 535 19.79 -21.78 32.35
C LYS B 535 18.41 -21.55 31.71
N LEU B 536 18.20 -22.13 30.50
CA LEU B 536 16.97 -22.00 29.71
C LEU B 536 15.89 -22.97 30.20
N THR B 537 14.79 -22.39 30.73
CA THR B 537 13.64 -23.08 31.33
C THR B 537 12.32 -22.84 30.54
N PRO B 538 11.19 -23.54 30.84
CA PRO B 538 9.93 -23.26 30.10
C PRO B 538 9.31 -21.90 30.40
N PHE B 551 -1.92 -27.35 16.07
CA PHE B 551 -2.11 -27.33 14.63
C PHE B 551 -3.27 -28.22 14.17
N VAL B 552 -4.16 -27.67 13.32
CA VAL B 552 -5.32 -28.41 12.82
C VAL B 552 -5.29 -28.58 11.29
N ALA B 553 -5.17 -27.47 10.53
CA ALA B 553 -5.16 -27.48 9.06
C ALA B 553 -4.50 -26.25 8.40
N GLY B 554 -4.25 -26.38 7.09
CA GLY B 554 -3.69 -25.35 6.24
C GLY B 554 -4.79 -24.67 5.46
N TYR B 555 -4.76 -23.32 5.36
CA TYR B 555 -5.81 -22.55 4.68
C TYR B 555 -5.28 -21.63 3.56
N SER B 556 -4.35 -22.17 2.74
CA SER B 556 -3.71 -21.46 1.62
C SER B 556 -4.73 -21.08 0.54
N GLY B 557 -4.99 -19.77 0.44
CA GLY B 557 -5.96 -19.16 -0.46
C GLY B 557 -7.35 -19.05 0.16
N GLY B 558 -7.55 -19.80 1.24
CA GLY B 558 -8.80 -19.91 1.99
C GLY B 558 -9.38 -18.68 2.65
N ASP B 559 -8.58 -17.60 2.84
CA ASP B 559 -9.03 -16.36 3.49
C ASP B 559 -9.48 -16.66 4.94
N ILE B 560 -8.52 -17.09 5.80
CA ILE B 560 -8.78 -17.45 7.21
C ILE B 560 -7.87 -16.70 8.19
N TYR B 561 -8.45 -16.18 9.29
CA TYR B 561 -7.72 -15.47 10.33
C TYR B 561 -7.99 -16.03 11.74
N HIS B 562 -6.90 -16.33 12.48
CA HIS B 562 -6.94 -16.84 13.85
C HIS B 562 -6.38 -15.80 14.84
ZN ZN C . 7.09 11.02 27.86
C1 28L D . 0.77 25.80 2.57
S2 28L D . 1.51 24.20 2.63
N3 28L D . 0.28 23.21 2.74
C4 28L D . -0.50 22.85 1.69
C5 28L D . -1.50 21.94 2.07
C6 28L D . -2.36 21.37 1.14
C7 28L D . -0.44 23.19 0.32
C8 28L D . -1.31 22.64 -0.59
C9 28L D . -2.27 21.71 -0.21
C10 28L D . -3.17 21.07 -1.23
C11 28L D . -3.16 21.48 -2.57
N12 28L D . -4.00 21.06 -3.49
C13 28L D . -4.08 20.06 -0.87
C14 28L D . -4.97 19.55 -1.85
C15 28L D . -4.94 20.13 -3.14
C16 28L D . -5.93 19.76 -4.10
C17 28L D . -6.03 20.41 -5.44
C18 28L D . -7.12 21.19 -5.79
C19 28L D . -7.17 21.93 -7.01
C20 28L D . -6.02 21.82 -7.79
O21 28L D . -5.88 22.63 -8.86
C22 28L D . -6.83 23.68 -9.18
N23 28L D . -4.94 21.08 -7.55
C24 28L D . -4.89 20.31 -6.33
O25 28L D . -3.90 19.57 -6.13
C26 28L D . -6.84 18.79 -3.72
C27 28L D . -6.87 18.12 -2.50
C28 28L D . -7.89 16.96 -2.32
C29 28L D . -8.95 16.98 -3.43
C30 28L D . -7.21 15.59 -2.45
C31 28L D . -8.64 17.01 -0.99
C32 28L D . -5.92 18.51 -1.57
O33 28L D . -5.85 17.86 -0.36
C34 28L D . -4.80 16.90 -0.15
O35 28L D . 2.25 24.11 3.86
O36 28L D . 2.29 24.04 1.41
ZN ZN E . -9.29 -53.18 -6.33
C1 28L F . -1.00 -24.70 -2.79
S2 28L F . -1.70 -25.81 -1.61
N3 28L F . -0.44 -26.57 -0.97
C4 28L F . 0.46 -25.95 -0.13
C5 28L F . 1.44 -26.84 0.35
C6 28L F . 2.35 -26.45 1.33
C7 28L F . 0.50 -24.64 0.37
C8 28L F . 1.44 -24.25 1.31
C9 28L F . 2.37 -25.15 1.83
C10 28L F . 3.27 -24.76 2.95
C11 28L F . 3.37 -23.43 3.38
N12 28L F . 4.12 -23.00 4.37
C13 28L F . 3.97 -25.72 3.69
C14 28L F . 4.76 -25.32 4.79
C15 28L F . 4.84 -23.93 5.08
C16 28L F . 5.71 -23.48 6.13
C17 28L F . 5.98 -22.04 6.39
C18 28L F . 7.23 -21.53 6.21
C19 28L F . 7.52 -20.13 6.21
C20 28L F . 6.42 -19.33 6.38
O21 28L F . 6.72 -18.04 6.10
C22 28L F . 5.73 -16.99 6.17
N23 28L F . 5.14 -19.71 6.65
C24 28L F . 4.86 -21.14 6.68
O25 28L F . 3.71 -21.52 6.97
C26 28L F . 6.41 -24.44 6.81
C27 28L F . 6.39 -25.81 6.58
C28 28L F . 7.37 -26.71 7.38
C29 28L F . 8.37 -25.86 8.19
C30 28L F . 6.64 -27.58 8.41
C31 28L F . 8.22 -27.61 6.48
C32 28L F . 5.53 -26.23 5.58
O33 28L F . 5.37 -27.59 5.34
C34 28L F . 4.19 -28.24 5.85
O35 28L F . -2.50 -26.76 -2.35
O36 28L F . -2.40 -25.02 -0.63
#